data_1UG3
#
_entry.id   1UG3
#
_cell.length_a   78.618
_cell.length_b   50.567
_cell.length_c   99.895
_cell.angle_alpha   90.00
_cell.angle_beta   101.59
_cell.angle_gamma   90.00
#
_symmetry.space_group_name_H-M   'P 1 21 1'
#
loop_
_entity.id
_entity.type
_entity.pdbx_description
1 polymer 'eukaryotic protein synthesis initiation factor 4G'
2 water water
#
_entity_poly.entity_id   1
_entity_poly.type   'polypeptide(L)'
_entity_poly.pdbx_seq_one_letter_code
;SKAALSEEELEKKSKAIIEEYLHLNDMKEAVQCVQELASPSLLFIFVRHGVESTLERSAIAREHMGQLLHQLLCAGHLST
AQYYQGLYEILELAEDMEIDIPHVWLYLAELVTPILQEGGVPMGELFREITKPLRPLGKAASLLLEILGLLCKSMGPKKV
GTLWREAGLSWKEFLPEGQDIGAFVAEQKVEYTLGEESEAPGQRALPSEELNRQLEKLLKEGSSNQRVFDWIEANLSEQQ
IVSNTLVRALMTAVCYSAIIFETPLRVDVAVLKARAKLLQKYLCDEQKELQALYALQALVVTLEQPPNLLRMFFDALYDE
DVVKEDAFYSWESSKDPAE
;
_entity_poly.pdbx_strand_id   A,B
#
# COMPACT_ATOMS: atom_id res chain seq x y z
N SER A 1 -3.78 15.41 13.60
CA SER A 1 -2.51 15.39 14.38
C SER A 1 -1.33 15.76 13.50
N LYS A 2 -0.19 16.00 14.13
CA LYS A 2 1.02 16.35 13.40
C LYS A 2 1.37 15.17 12.48
N ALA A 3 1.39 13.97 13.05
CA ALA A 3 1.70 12.76 12.32
C ALA A 3 0.73 12.53 11.16
N ALA A 4 -0.53 12.88 11.39
CA ALA A 4 -1.57 12.73 10.38
C ALA A 4 -1.27 13.65 9.19
N LEU A 5 -1.07 14.92 9.48
CA LEU A 5 -0.76 15.89 8.43
C LEU A 5 0.54 15.49 7.76
N SER A 6 1.47 15.01 8.56
CA SER A 6 2.76 14.61 8.03
C SER A 6 2.58 13.61 6.89
N GLU A 7 1.74 12.61 7.10
CA GLU A 7 1.51 11.63 6.04
C GLU A 7 0.78 12.29 4.86
N GLU A 8 -0.13 13.21 5.17
CA GLU A 8 -0.88 13.93 4.13
C GLU A 8 0.06 14.78 3.28
N GLU A 9 0.88 15.58 3.95
CA GLU A 9 1.81 16.45 3.29
C GLU A 9 2.79 15.66 2.42
N LEU A 10 3.29 14.55 2.95
CA LEU A 10 4.23 13.73 2.20
C LEU A 10 3.59 13.19 0.94
N GLU A 11 2.36 12.74 1.04
CA GLU A 11 1.68 12.22 -0.14
C GLU A 11 1.56 13.36 -1.15
N LYS A 12 1.21 14.54 -0.65
CA LYS A 12 1.06 15.71 -1.50
C LYS A 12 2.34 15.98 -2.28
N LYS A 13 3.46 15.96 -1.56
CA LYS A 13 4.74 16.23 -2.21
C LYS A 13 5.15 15.08 -3.14
N SER A 14 4.79 13.86 -2.77
CA SER A 14 5.11 12.72 -3.62
C SER A 14 4.38 12.93 -4.95
N LYS A 15 3.13 13.37 -4.85
CA LYS A 15 2.33 13.61 -6.05
C LYS A 15 2.99 14.66 -6.94
N ALA A 16 3.34 15.80 -6.35
CA ALA A 16 3.96 16.86 -7.11
C ALA A 16 5.22 16.33 -7.79
N ILE A 17 6.11 15.74 -7.00
CA ILE A 17 7.35 15.21 -7.52
C ILE A 17 7.12 14.19 -8.63
N ILE A 18 6.25 13.23 -8.36
CA ILE A 18 5.96 12.20 -9.34
C ILE A 18 5.37 12.75 -10.63
N GLU A 19 4.45 13.70 -10.51
CA GLU A 19 3.84 14.30 -11.68
C GLU A 19 4.85 15.00 -12.56
N GLU A 20 5.72 15.80 -11.96
CA GLU A 20 6.74 16.53 -12.71
C GLU A 20 7.69 15.56 -13.39
N TYR A 21 8.03 14.48 -12.68
CA TYR A 21 8.95 13.49 -13.23
C TYR A 21 8.38 12.80 -14.47
N LEU A 22 7.13 12.36 -14.39
CA LEU A 22 6.52 11.68 -15.53
C LEU A 22 6.36 12.64 -16.69
N HIS A 23 6.31 13.92 -16.38
CA HIS A 23 6.15 14.95 -17.39
C HIS A 23 7.47 15.33 -18.05
N LEU A 24 8.45 15.68 -17.23
CA LEU A 24 9.76 16.11 -17.73
C LEU A 24 10.79 15.00 -17.89
N ASN A 25 10.63 13.91 -17.15
CA ASN A 25 11.56 12.79 -17.23
C ASN A 25 12.97 13.09 -16.73
N ASP A 26 13.09 14.08 -15.87
CA ASP A 26 14.39 14.43 -15.31
C ASP A 26 14.64 13.57 -14.07
N MET A 27 15.30 12.44 -14.27
CA MET A 27 15.60 11.50 -13.19
C MET A 27 16.36 12.11 -12.02
N LYS A 28 17.44 12.81 -12.36
CA LYS A 28 18.28 13.41 -11.33
C LYS A 28 17.52 14.41 -10.48
N GLU A 29 16.62 15.17 -11.10
CA GLU A 29 15.86 16.14 -10.34
C GLU A 29 14.90 15.44 -9.38
N ALA A 30 14.27 14.37 -9.88
CA ALA A 30 13.32 13.62 -9.06
C ALA A 30 14.03 12.99 -7.87
N VAL A 31 15.17 12.36 -8.13
CA VAL A 31 15.94 11.72 -7.07
C VAL A 31 16.28 12.72 -5.97
N GLN A 32 16.80 13.87 -6.38
CA GLN A 32 17.18 14.90 -5.41
C GLN A 32 15.98 15.38 -4.63
N CYS A 33 14.88 15.63 -5.32
CA CYS A 33 13.68 16.09 -4.64
C CYS A 33 13.28 15.09 -3.56
N VAL A 34 13.40 13.81 -3.86
CA VAL A 34 13.05 12.79 -2.88
C VAL A 34 14.00 12.90 -1.71
N GLN A 35 15.26 13.11 -2.02
CA GLN A 35 16.29 13.23 -0.99
C GLN A 35 16.00 14.44 -0.10
N GLU A 36 15.53 15.52 -0.71
CA GLU A 36 15.25 16.73 0.05
C GLU A 36 14.06 16.57 0.99
N LEU A 37 13.32 15.48 0.84
CA LEU A 37 12.19 15.24 1.73
C LEU A 37 12.78 14.81 3.07
N ALA A 38 13.92 14.14 3.02
CA ALA A 38 14.58 13.68 4.24
C ALA A 38 13.55 12.99 5.13
N SER A 39 12.84 12.02 4.57
CA SER A 39 11.82 11.28 5.31
C SER A 39 11.90 9.82 4.86
N PRO A 40 13.06 9.19 5.09
CA PRO A 40 13.34 7.79 4.73
C PRO A 40 12.30 6.78 5.23
N SER A 41 11.76 7.04 6.43
CA SER A 41 10.80 6.13 7.04
C SER A 41 9.37 6.32 6.56
N LEU A 42 9.16 7.27 5.67
CA LEU A 42 7.83 7.53 5.15
C LEU A 42 7.79 7.39 3.63
N LEU A 43 8.88 6.93 3.05
CA LEU A 43 8.91 6.80 1.60
C LEU A 43 7.97 5.72 1.09
N PHE A 44 7.44 4.89 1.99
CA PHE A 44 6.52 3.86 1.55
C PHE A 44 5.34 4.57 0.90
N ILE A 45 5.05 5.78 1.40
CA ILE A 45 3.95 6.60 0.88
C ILE A 45 4.25 7.01 -0.56
N PHE A 46 5.47 7.44 -0.78
CA PHE A 46 5.90 7.84 -2.11
C PHE A 46 5.68 6.65 -3.05
N VAL A 47 6.22 5.50 -2.65
CA VAL A 47 6.11 4.29 -3.44
C VAL A 47 4.64 3.96 -3.74
N ARG A 48 3.84 3.92 -2.68
CA ARG A 48 2.43 3.62 -2.80
C ARG A 48 1.77 4.57 -3.81
N HIS A 49 2.02 5.86 -3.66
CA HIS A 49 1.41 6.82 -4.56
C HIS A 49 1.87 6.59 -6.00
N GLY A 50 3.17 6.39 -6.18
CA GLY A 50 3.69 6.16 -7.51
C GLY A 50 3.01 5.00 -8.20
N VAL A 51 2.81 3.92 -7.46
CA VAL A 51 2.18 2.74 -7.98
C VAL A 51 0.72 2.99 -8.34
N GLU A 52 0.00 3.56 -7.39
CA GLU A 52 -1.41 3.89 -7.54
C GLU A 52 -1.69 4.80 -8.73
N SER A 53 -0.95 5.89 -8.81
CA SER A 53 -1.13 6.86 -9.87
C SER A 53 -0.74 6.40 -11.28
N THR A 54 0.08 5.36 -11.40
CA THR A 54 0.49 4.91 -12.72
C THR A 54 -0.09 3.57 -13.14
N LEU A 55 -0.66 2.87 -12.17
CA LEU A 55 -1.23 1.56 -12.43
C LEU A 55 -2.07 1.48 -13.70
N GLU A 56 -2.91 2.48 -13.94
CA GLU A 56 -3.76 2.48 -15.12
C GLU A 56 -3.48 3.64 -16.06
N ARG A 57 -2.29 4.22 -15.95
CA ARG A 57 -1.88 5.33 -16.78
C ARG A 57 -1.43 4.87 -18.15
N SER A 58 -0.29 4.19 -18.20
CA SER A 58 0.26 3.69 -19.46
C SER A 58 1.45 2.81 -19.14
N ALA A 59 1.83 2.00 -20.12
CA ALA A 59 2.98 1.12 -19.97
C ALA A 59 4.23 1.97 -19.74
N ILE A 60 4.37 3.03 -20.54
CA ILE A 60 5.54 3.89 -20.41
C ILE A 60 5.61 4.58 -19.05
N ALA A 61 4.46 4.97 -18.52
CA ALA A 61 4.43 5.62 -17.20
C ALA A 61 4.86 4.63 -16.13
N ARG A 62 4.38 3.39 -16.22
CA ARG A 62 4.74 2.36 -15.25
C ARG A 62 6.24 2.10 -15.33
N GLU A 63 6.77 2.09 -16.55
CA GLU A 63 8.19 1.87 -16.78
C GLU A 63 8.98 2.97 -16.09
N HIS A 64 8.68 4.21 -16.44
CA HIS A 64 9.35 5.36 -15.85
C HIS A 64 9.27 5.34 -14.33
N MET A 65 8.09 5.00 -13.79
CA MET A 65 7.93 4.95 -12.34
C MET A 65 8.83 3.85 -11.75
N GLY A 66 8.87 2.70 -12.41
CA GLY A 66 9.70 1.61 -11.92
C GLY A 66 11.17 2.00 -11.90
N GLN A 67 11.62 2.64 -12.97
CA GLN A 67 13.01 3.07 -13.08
C GLN A 67 13.36 4.04 -11.97
N LEU A 68 12.45 4.96 -11.66
CA LEU A 68 12.70 5.94 -10.61
C LEU A 68 12.89 5.24 -9.26
N LEU A 69 12.02 4.28 -8.96
CA LEU A 69 12.14 3.56 -7.68
C LEU A 69 13.49 2.84 -7.61
N HIS A 70 13.89 2.23 -8.71
CA HIS A 70 15.18 1.54 -8.76
C HIS A 70 16.29 2.54 -8.46
N GLN A 71 16.19 3.73 -9.07
CA GLN A 71 17.19 4.77 -8.84
C GLN A 71 17.23 5.15 -7.37
N LEU A 72 16.07 5.44 -6.80
CA LEU A 72 15.95 5.81 -5.39
C LEU A 72 16.55 4.73 -4.50
N LEU A 73 16.28 3.48 -4.85
CA LEU A 73 16.80 2.35 -4.11
C LEU A 73 18.32 2.37 -4.21
N CYS A 74 18.81 2.43 -5.44
CA CYS A 74 20.24 2.47 -5.71
C CYS A 74 20.99 3.60 -5.03
N ALA A 75 20.36 4.78 -4.97
CA ALA A 75 21.00 5.93 -4.35
C ALA A 75 20.98 5.80 -2.83
N GLY A 76 20.27 4.80 -2.33
CA GLY A 76 20.19 4.58 -0.90
C GLY A 76 19.17 5.46 -0.19
N HIS A 77 18.33 6.15 -0.96
CA HIS A 77 17.30 7.00 -0.35
C HIS A 77 16.06 6.19 0.00
N LEU A 78 15.77 5.17 -0.81
CA LEU A 78 14.63 4.30 -0.57
C LEU A 78 15.16 2.95 -0.11
N SER A 79 14.76 2.54 1.09
CA SER A 79 15.23 1.25 1.61
C SER A 79 14.39 0.14 1.02
N THR A 80 14.99 -1.03 0.92
CA THR A 80 14.30 -2.21 0.42
C THR A 80 12.99 -2.36 1.18
N ALA A 81 13.10 -2.31 2.50
CA ALA A 81 11.94 -2.45 3.38
C ALA A 81 10.84 -1.45 3.07
N GLN A 82 11.20 -0.18 2.91
CA GLN A 82 10.19 0.84 2.62
C GLN A 82 9.56 0.57 1.26
N TYR A 83 10.37 0.10 0.32
CA TYR A 83 9.89 -0.22 -1.02
C TYR A 83 8.80 -1.28 -0.89
N TYR A 84 9.11 -2.36 -0.18
CA TYR A 84 8.15 -3.43 0.00
C TYR A 84 6.89 -2.94 0.71
N GLN A 85 7.06 -2.14 1.76
CA GLN A 85 5.91 -1.63 2.49
C GLN A 85 4.93 -0.92 1.57
N GLY A 86 5.45 -0.05 0.69
CA GLY A 86 4.61 0.69 -0.22
C GLY A 86 3.88 -0.21 -1.21
N LEU A 87 4.61 -1.17 -1.76
CA LEU A 87 4.03 -2.10 -2.71
C LEU A 87 2.96 -2.99 -2.08
N TYR A 88 3.28 -3.55 -0.92
CA TYR A 88 2.36 -4.43 -0.21
C TYR A 88 0.99 -3.78 -0.08
N GLU A 89 0.98 -2.49 0.20
CA GLU A 89 -0.26 -1.78 0.37
C GLU A 89 -1.18 -1.95 -0.84
N ILE A 90 -0.59 -2.06 -2.03
CA ILE A 90 -1.37 -2.22 -3.25
C ILE A 90 -1.47 -3.68 -3.69
N LEU A 91 -0.41 -4.45 -3.49
CA LEU A 91 -0.43 -5.85 -3.90
C LEU A 91 -1.54 -6.55 -3.12
N GLU A 92 -1.79 -6.04 -1.92
CA GLU A 92 -2.82 -6.55 -1.02
C GLU A 92 -4.21 -6.43 -1.64
N LEU A 93 -4.43 -5.38 -2.42
CA LEU A 93 -5.72 -5.13 -3.05
C LEU A 93 -5.77 -5.58 -4.51
N ALA A 94 -4.66 -6.10 -5.00
CA ALA A 94 -4.58 -6.54 -6.38
C ALA A 94 -5.68 -7.51 -6.79
N GLU A 95 -5.79 -8.62 -6.07
CA GLU A 95 -6.79 -9.63 -6.38
C GLU A 95 -8.15 -9.01 -6.61
N ASP A 96 -8.50 -8.04 -5.78
CA ASP A 96 -9.80 -7.39 -5.88
C ASP A 96 -9.94 -6.51 -7.12
N MET A 97 -8.87 -5.84 -7.51
CA MET A 97 -8.90 -4.97 -8.68
C MET A 97 -9.03 -5.76 -9.97
N GLU A 98 -8.53 -6.98 -9.95
CA GLU A 98 -8.56 -7.84 -11.12
C GLU A 98 -9.93 -7.84 -11.81
N ILE A 99 -10.99 -7.72 -11.01
CA ILE A 99 -12.35 -7.70 -11.53
C ILE A 99 -12.55 -6.59 -12.54
N ASP A 100 -12.10 -5.39 -12.18
CA ASP A 100 -12.24 -4.25 -13.05
C ASP A 100 -11.00 -3.97 -13.90
N ILE A 101 -9.87 -4.51 -13.50
CA ILE A 101 -8.62 -4.31 -14.23
C ILE A 101 -8.01 -5.69 -14.52
N PRO A 102 -8.47 -6.33 -15.60
CA PRO A 102 -8.07 -7.66 -16.09
C PRO A 102 -6.58 -7.95 -16.12
N HIS A 103 -5.79 -6.99 -16.57
CA HIS A 103 -4.36 -7.17 -16.69
C HIS A 103 -3.58 -6.53 -15.54
N VAL A 104 -4.26 -6.30 -14.43
CA VAL A 104 -3.63 -5.69 -13.27
C VAL A 104 -2.29 -6.32 -12.92
N TRP A 105 -2.22 -7.65 -12.99
CA TRP A 105 -0.96 -8.33 -12.66
C TRP A 105 0.14 -7.91 -13.63
N LEU A 106 -0.22 -7.78 -14.89
CA LEU A 106 0.76 -7.36 -15.88
C LEU A 106 1.27 -5.95 -15.56
N TYR A 107 0.34 -5.08 -15.18
CA TYR A 107 0.68 -3.70 -14.86
C TYR A 107 1.60 -3.63 -13.67
N LEU A 108 1.38 -4.52 -12.72
CA LEU A 108 2.19 -4.57 -11.53
C LEU A 108 3.58 -5.07 -11.91
N ALA A 109 3.64 -6.09 -12.75
CA ALA A 109 4.93 -6.59 -13.18
C ALA A 109 5.72 -5.46 -13.85
N GLU A 110 5.04 -4.66 -14.68
CA GLU A 110 5.70 -3.55 -15.37
C GLU A 110 6.26 -2.52 -14.40
N LEU A 111 5.66 -2.42 -13.22
CA LEU A 111 6.13 -1.46 -12.25
C LEU A 111 7.32 -2.00 -11.43
N VAL A 112 7.28 -3.29 -11.14
CA VAL A 112 8.31 -3.94 -10.33
C VAL A 112 9.58 -4.37 -11.04
N THR A 113 9.44 -4.98 -12.21
CA THR A 113 10.56 -5.49 -12.96
C THR A 113 11.84 -4.61 -13.01
N PRO A 114 11.69 -3.30 -13.21
CA PRO A 114 12.89 -2.44 -13.26
C PRO A 114 13.75 -2.58 -12.01
N ILE A 115 13.14 -3.02 -10.93
CA ILE A 115 13.83 -3.17 -9.67
C ILE A 115 14.89 -4.26 -9.72
N LEU A 116 14.78 -5.14 -10.71
CA LEU A 116 15.73 -6.23 -10.88
C LEU A 116 17.04 -5.81 -11.53
N GLN A 117 17.13 -4.56 -11.99
CA GLN A 117 18.35 -4.09 -12.63
C GLN A 117 19.51 -3.99 -11.66
N GLU A 118 20.72 -3.99 -12.20
CA GLU A 118 21.95 -3.86 -11.42
C GLU A 118 21.76 -2.80 -10.35
N GLY A 119 22.19 -3.10 -9.13
CA GLY A 119 22.04 -2.13 -8.06
C GLY A 119 20.70 -2.29 -7.38
N GLY A 120 19.86 -3.13 -7.97
CA GLY A 120 18.54 -3.37 -7.43
C GLY A 120 18.50 -4.59 -6.53
N VAL A 121 17.35 -5.25 -6.50
CA VAL A 121 17.18 -6.43 -5.66
C VAL A 121 17.40 -7.74 -6.41
N PRO A 122 18.11 -8.69 -5.78
CA PRO A 122 18.40 -10.00 -6.36
C PRO A 122 17.07 -10.71 -6.65
N MET A 123 16.98 -11.39 -7.78
CA MET A 123 15.75 -12.09 -8.14
C MET A 123 15.17 -12.97 -7.03
N GLY A 124 16.02 -13.82 -6.46
CA GLY A 124 15.56 -14.69 -5.41
C GLY A 124 14.90 -13.93 -4.28
N GLU A 125 15.61 -12.92 -3.77
CA GLU A 125 15.08 -12.12 -2.68
C GLU A 125 13.81 -11.40 -3.09
N LEU A 126 13.84 -10.77 -4.25
CA LEU A 126 12.68 -10.04 -4.72
C LEU A 126 11.43 -10.91 -4.81
N PHE A 127 11.55 -12.00 -5.56
CA PHE A 127 10.43 -12.92 -5.73
C PHE A 127 9.87 -13.42 -4.40
N ARG A 128 10.75 -13.72 -3.46
CA ARG A 128 10.32 -14.23 -2.18
C ARG A 128 9.68 -13.17 -1.28
N GLU A 129 10.21 -11.96 -1.31
CA GLU A 129 9.62 -10.92 -0.48
C GLU A 129 8.33 -10.41 -1.11
N ILE A 130 8.44 -9.93 -2.33
CA ILE A 130 7.30 -9.38 -3.05
C ILE A 130 6.03 -10.24 -3.00
N THR A 131 6.18 -11.56 -2.91
CA THR A 131 5.01 -12.44 -2.90
C THR A 131 4.33 -12.73 -1.57
N LYS A 132 4.89 -12.23 -0.47
CA LYS A 132 4.29 -12.47 0.85
C LYS A 132 2.82 -12.07 0.85
N PRO A 133 2.50 -10.84 0.41
CA PRO A 133 1.10 -10.43 0.39
C PRO A 133 0.25 -11.45 -0.35
N LEU A 134 0.87 -12.14 -1.31
CA LEU A 134 0.15 -13.14 -2.09
C LEU A 134 0.25 -14.51 -1.44
N ARG A 135 0.91 -14.57 -0.28
CA ARG A 135 0.99 -15.81 0.44
C ARG A 135 -0.48 -16.14 0.74
N PRO A 136 -1.25 -15.14 1.21
CA PRO A 136 -2.67 -15.32 1.52
C PRO A 136 -3.50 -15.56 0.28
N LEU A 137 -3.34 -14.69 -0.72
CA LEU A 137 -4.09 -14.78 -1.97
C LEU A 137 -3.95 -16.14 -2.65
N GLY A 138 -2.75 -16.70 -2.58
CA GLY A 138 -2.51 -17.96 -3.26
C GLY A 138 -2.35 -17.56 -4.71
N LYS A 139 -1.97 -16.30 -4.90
CA LYS A 139 -1.78 -15.74 -6.24
C LYS A 139 -0.34 -15.34 -6.58
N ALA A 140 0.63 -15.82 -5.81
CA ALA A 140 2.03 -15.50 -6.08
C ALA A 140 2.38 -15.69 -7.55
N ALA A 141 1.93 -16.80 -8.12
CA ALA A 141 2.20 -17.15 -9.50
C ALA A 141 1.74 -16.08 -10.48
N SER A 142 0.55 -15.53 -10.24
CA SER A 142 -0.01 -14.52 -11.13
C SER A 142 0.93 -13.36 -11.38
N LEU A 143 1.68 -12.97 -10.36
CA LEU A 143 2.61 -11.86 -10.50
C LEU A 143 3.95 -12.29 -11.09
N LEU A 144 4.58 -13.26 -10.47
CA LEU A 144 5.88 -13.75 -10.93
C LEU A 144 5.82 -14.11 -12.41
N LEU A 145 4.73 -14.73 -12.82
CA LEU A 145 4.57 -15.11 -14.21
C LEU A 145 4.69 -13.89 -15.13
N GLU A 146 4.01 -12.81 -14.78
CA GLU A 146 4.08 -11.60 -15.61
C GLU A 146 5.49 -11.01 -15.59
N ILE A 147 6.17 -11.18 -14.45
CA ILE A 147 7.53 -10.66 -14.32
C ILE A 147 8.49 -11.49 -15.19
N LEU A 148 8.35 -12.80 -15.14
CA LEU A 148 9.21 -13.66 -15.94
C LEU A 148 8.96 -13.37 -17.41
N GLY A 149 7.71 -13.03 -17.74
CA GLY A 149 7.36 -12.73 -19.11
C GLY A 149 8.12 -11.51 -19.62
N LEU A 150 8.15 -10.48 -18.79
CA LEU A 150 8.83 -9.25 -19.17
C LEU A 150 10.32 -9.51 -19.35
N LEU A 151 10.91 -10.21 -18.40
CA LEU A 151 12.33 -10.54 -18.49
C LEU A 151 12.62 -11.31 -19.77
N CYS A 152 11.84 -12.35 -20.04
CA CYS A 152 12.03 -13.14 -21.25
C CYS A 152 12.11 -12.23 -22.45
N LYS A 153 11.17 -11.29 -22.52
CA LYS A 153 11.11 -10.32 -23.61
C LYS A 153 12.43 -9.58 -23.80
N SER A 154 13.10 -9.30 -22.69
CA SER A 154 14.34 -8.55 -22.77
C SER A 154 15.63 -9.34 -22.80
N MET A 155 15.61 -10.62 -22.45
CA MET A 155 16.86 -11.37 -22.44
C MET A 155 16.79 -12.82 -22.87
N GLY A 156 15.59 -13.32 -23.14
CA GLY A 156 15.46 -14.71 -23.54
C GLY A 156 15.18 -15.61 -22.36
N PRO A 157 14.17 -16.50 -22.47
CA PRO A 157 13.78 -17.44 -21.41
C PRO A 157 14.96 -18.26 -20.93
N LYS A 158 15.86 -18.60 -21.83
CA LYS A 158 17.02 -19.39 -21.45
C LYS A 158 17.76 -18.71 -20.31
N LYS A 159 18.20 -17.48 -20.56
CA LYS A 159 18.91 -16.73 -19.55
C LYS A 159 18.03 -16.50 -18.34
N VAL A 160 16.74 -16.30 -18.57
CA VAL A 160 15.84 -16.09 -17.45
C VAL A 160 15.82 -17.33 -16.56
N GLY A 161 15.70 -18.50 -17.18
CA GLY A 161 15.68 -19.74 -16.42
C GLY A 161 16.95 -19.90 -15.61
N THR A 162 18.08 -19.54 -16.22
CA THR A 162 19.35 -19.64 -15.52
C THR A 162 19.33 -18.73 -14.31
N LEU A 163 18.81 -17.51 -14.47
CA LEU A 163 18.72 -16.56 -13.37
C LEU A 163 17.86 -17.13 -12.26
N TRP A 164 16.73 -17.70 -12.64
CA TRP A 164 15.80 -18.30 -11.69
C TRP A 164 16.55 -19.42 -10.95
N ARG A 165 17.18 -20.31 -11.70
CA ARG A 165 17.90 -21.42 -11.10
C ARG A 165 19.01 -20.97 -10.14
N GLU A 166 19.83 -20.03 -10.58
CA GLU A 166 20.92 -19.54 -9.74
C GLU A 166 20.40 -18.94 -8.44
N ALA A 167 19.16 -18.46 -8.45
CA ALA A 167 18.59 -17.89 -7.23
C ALA A 167 18.06 -19.02 -6.37
N GLY A 168 18.24 -20.25 -6.83
CA GLY A 168 17.77 -21.40 -6.09
C GLY A 168 16.26 -21.37 -5.92
N LEU A 169 15.59 -20.69 -6.84
CA LEU A 169 14.15 -20.59 -6.76
C LEU A 169 13.43 -21.88 -7.11
N SER A 170 12.28 -22.08 -6.48
CA SER A 170 11.47 -23.26 -6.73
C SER A 170 10.00 -22.87 -6.73
N TRP A 171 9.26 -23.35 -7.72
CA TRP A 171 7.84 -23.04 -7.80
C TRP A 171 7.12 -23.57 -6.59
N LYS A 172 7.72 -24.58 -5.96
CA LYS A 172 7.13 -25.15 -4.76
C LYS A 172 6.90 -23.98 -3.82
N GLU A 173 7.88 -23.07 -3.79
CA GLU A 173 7.81 -21.90 -2.94
C GLU A 173 6.59 -21.02 -3.21
N PHE A 174 6.02 -21.12 -4.40
CA PHE A 174 4.89 -20.24 -4.70
C PHE A 174 3.58 -20.87 -5.10
N LEU A 175 3.54 -22.19 -5.20
CA LEU A 175 2.29 -22.83 -5.59
C LEU A 175 1.56 -23.42 -4.40
N PRO A 176 0.24 -23.57 -4.53
CA PRO A 176 -0.58 -24.13 -3.46
C PRO A 176 -0.05 -25.52 -3.14
N GLU A 177 -0.18 -25.93 -1.88
CA GLU A 177 0.31 -27.25 -1.48
C GLU A 177 -0.32 -28.34 -2.34
N GLY A 178 0.52 -29.21 -2.87
CA GLY A 178 0.02 -30.31 -3.68
C GLY A 178 -0.15 -30.05 -5.17
N GLN A 179 -0.04 -28.80 -5.61
CA GLN A 179 -0.18 -28.53 -7.02
C GLN A 179 0.98 -29.20 -7.75
N ASP A 180 0.71 -29.83 -8.89
CA ASP A 180 1.78 -30.50 -9.61
C ASP A 180 2.62 -29.52 -10.40
N ILE A 181 3.85 -29.32 -9.92
CA ILE A 181 4.80 -28.42 -10.57
C ILE A 181 4.92 -28.79 -12.04
N GLY A 182 5.15 -30.07 -12.30
CA GLY A 182 5.28 -30.54 -13.67
C GLY A 182 4.17 -30.02 -14.57
N ALA A 183 2.93 -30.12 -14.09
CA ALA A 183 1.78 -29.67 -14.86
C ALA A 183 1.75 -28.15 -15.00
N PHE A 184 1.77 -27.46 -13.87
CA PHE A 184 1.75 -26.01 -13.85
C PHE A 184 2.77 -25.42 -14.81
N VAL A 185 4.01 -25.85 -14.68
CA VAL A 185 5.08 -25.35 -15.54
C VAL A 185 4.77 -25.64 -17.01
N ALA A 186 4.21 -26.81 -17.27
CA ALA A 186 3.88 -27.19 -18.64
C ALA A 186 2.74 -26.33 -19.17
N GLU A 187 1.73 -26.10 -18.33
CA GLU A 187 0.58 -25.31 -18.74
C GLU A 187 0.84 -23.81 -18.90
N GLN A 188 1.60 -23.23 -17.96
CA GLN A 188 1.91 -21.79 -17.99
C GLN A 188 3.09 -21.54 -18.96
N LYS A 189 3.62 -22.59 -19.56
CA LYS A 189 4.72 -22.45 -20.53
C LYS A 189 6.02 -21.87 -19.96
N VAL A 190 6.46 -22.37 -18.81
CA VAL A 190 7.70 -21.89 -18.21
C VAL A 190 8.65 -23.05 -17.89
N GLU A 191 8.66 -24.04 -18.77
CA GLU A 191 9.53 -25.20 -18.60
C GLU A 191 10.97 -24.75 -18.49
N TYR A 192 11.25 -23.55 -19.02
CA TYR A 192 12.60 -23.02 -19.00
C TYR A 192 13.13 -22.75 -17.60
N THR A 193 12.24 -22.64 -16.62
CA THR A 193 12.68 -22.40 -15.25
C THR A 193 13.16 -23.69 -14.59
N LEU A 194 12.85 -24.83 -15.21
CA LEU A 194 13.26 -26.11 -14.67
C LEU A 194 14.76 -26.29 -14.76
N ALA A 205 32.11 -25.47 -10.84
CA ALA A 205 31.29 -25.50 -12.09
C ALA A 205 32.02 -26.21 -13.21
N LEU A 206 31.27 -26.76 -14.15
CA LEU A 206 31.86 -27.46 -15.29
C LEU A 206 32.60 -26.46 -16.17
N PRO A 207 33.82 -26.83 -16.63
CA PRO A 207 34.58 -25.93 -17.49
C PRO A 207 33.79 -25.57 -18.74
N SER A 208 33.01 -26.52 -19.25
CA SER A 208 32.22 -26.28 -20.44
C SER A 208 31.16 -25.20 -20.20
N GLU A 209 30.57 -25.17 -19.02
CA GLU A 209 29.56 -24.17 -18.71
C GLU A 209 30.22 -22.85 -18.37
N GLU A 210 31.38 -22.93 -17.73
CA GLU A 210 32.13 -21.74 -17.36
C GLU A 210 32.46 -21.01 -18.67
N LEU A 211 32.75 -21.79 -19.71
CA LEU A 211 33.09 -21.27 -21.01
C LEU A 211 32.02 -20.30 -21.49
N ASN A 212 30.77 -20.76 -21.49
CA ASN A 212 29.68 -19.91 -21.92
C ASN A 212 29.66 -18.61 -21.16
N ARG A 213 29.87 -18.69 -19.85
CA ARG A 213 29.85 -17.51 -19.01
C ARG A 213 30.96 -16.52 -19.36
N GLN A 214 32.15 -17.04 -19.67
CA GLN A 214 33.27 -16.17 -19.98
C GLN A 214 33.19 -15.55 -21.36
N LEU A 215 32.68 -16.29 -22.34
CA LEU A 215 32.56 -15.75 -23.68
C LEU A 215 31.49 -14.68 -23.66
N GLU A 216 30.42 -14.96 -22.92
CA GLU A 216 29.31 -14.02 -22.77
C GLU A 216 29.84 -12.70 -22.21
N LYS A 217 30.64 -12.80 -21.15
CA LYS A 217 31.21 -11.61 -20.53
C LYS A 217 32.10 -10.87 -21.53
N LEU A 218 32.97 -11.60 -22.20
CA LEU A 218 33.87 -10.98 -23.17
C LEU A 218 33.09 -10.13 -24.16
N LEU A 219 32.02 -10.68 -24.70
CA LEU A 219 31.23 -9.96 -25.67
C LEU A 219 30.49 -8.81 -25.02
N LYS A 220 29.91 -9.08 -23.87
CA LYS A 220 29.16 -8.07 -23.14
C LYS A 220 30.02 -6.84 -22.93
N GLU A 221 31.29 -7.03 -22.62
CA GLU A 221 32.16 -5.88 -22.39
C GLU A 221 32.79 -5.27 -23.65
N GLY A 222 32.24 -5.64 -24.81
CA GLY A 222 32.72 -5.09 -26.07
C GLY A 222 34.16 -5.42 -26.46
N SER A 223 34.64 -6.58 -26.03
CA SER A 223 36.00 -7.00 -26.35
C SER A 223 36.20 -7.10 -27.85
N SER A 224 37.39 -6.73 -28.33
CA SER A 224 37.71 -6.82 -29.75
C SER A 224 37.98 -8.29 -30.09
N ASN A 225 37.99 -8.62 -31.37
CA ASN A 225 38.25 -9.99 -31.77
C ASN A 225 39.61 -10.48 -31.29
N GLN A 226 40.60 -9.60 -31.32
CA GLN A 226 41.94 -9.97 -30.87
C GLN A 226 41.91 -10.37 -29.40
N ARG A 227 41.26 -9.56 -28.58
CA ARG A 227 41.14 -9.84 -27.16
C ARG A 227 40.53 -11.23 -26.95
N VAL A 228 39.50 -11.55 -27.74
CA VAL A 228 38.87 -12.86 -27.60
C VAL A 228 39.81 -13.94 -28.09
N PHE A 229 40.48 -13.67 -29.22
CA PHE A 229 41.44 -14.64 -29.76
C PHE A 229 42.48 -14.94 -28.68
N ASP A 230 43.02 -13.89 -28.06
CA ASP A 230 44.04 -14.06 -27.03
C ASP A 230 43.51 -14.82 -25.81
N TRP A 231 42.32 -14.42 -25.36
CA TRP A 231 41.73 -15.07 -24.20
C TRP A 231 41.62 -16.58 -24.44
N ILE A 232 41.06 -16.97 -25.58
CA ILE A 232 40.93 -18.39 -25.90
C ILE A 232 42.28 -19.10 -25.82
N GLU A 233 43.28 -18.48 -26.43
CA GLU A 233 44.62 -19.04 -26.44
C GLU A 233 45.20 -19.13 -25.04
N ALA A 234 44.93 -18.11 -24.23
CA ALA A 234 45.46 -18.10 -22.88
C ALA A 234 44.70 -18.99 -21.91
N ASN A 235 43.44 -19.28 -22.23
CA ASN A 235 42.64 -20.05 -21.29
C ASN A 235 42.23 -21.48 -21.59
N LEU A 236 42.32 -21.91 -22.84
CA LEU A 236 41.92 -23.28 -23.14
C LEU A 236 43.13 -24.10 -23.54
N SER A 237 43.01 -25.41 -23.36
CA SER A 237 44.09 -26.33 -23.72
C SER A 237 43.98 -26.59 -25.21
N GLU A 238 44.98 -27.28 -25.77
CA GLU A 238 44.98 -27.60 -27.20
C GLU A 238 43.72 -28.34 -27.61
N GLN A 239 43.37 -29.37 -26.85
CA GLN A 239 42.18 -30.14 -27.17
C GLN A 239 40.95 -29.25 -27.09
N GLN A 240 40.84 -28.46 -26.03
CA GLN A 240 39.70 -27.58 -25.88
C GLN A 240 39.58 -26.60 -27.03
N ILE A 241 40.71 -26.08 -27.47
CA ILE A 241 40.73 -25.12 -28.56
C ILE A 241 40.14 -25.60 -29.88
N VAL A 242 40.29 -26.88 -30.21
CA VAL A 242 39.74 -27.38 -31.47
C VAL A 242 38.43 -28.15 -31.29
N SER A 243 37.88 -28.10 -30.08
CA SER A 243 36.66 -28.82 -29.74
C SER A 243 35.34 -28.28 -30.32
N ASN A 244 34.38 -29.18 -30.46
CA ASN A 244 33.07 -28.78 -30.95
C ASN A 244 32.42 -27.93 -29.86
N THR A 245 32.78 -28.21 -28.62
CA THR A 245 32.23 -27.47 -27.49
C THR A 245 32.53 -25.97 -27.66
N LEU A 246 33.77 -25.64 -28.00
CA LEU A 246 34.15 -24.24 -28.20
C LEU A 246 33.31 -23.68 -29.35
N VAL A 247 33.24 -24.44 -30.44
CA VAL A 247 32.47 -24.00 -31.59
C VAL A 247 31.04 -23.66 -31.19
N ARG A 248 30.38 -24.57 -30.49
CA ARG A 248 29.00 -24.34 -30.08
C ARG A 248 28.88 -23.14 -29.13
N ALA A 249 29.73 -23.08 -28.12
CA ALA A 249 29.67 -21.98 -27.18
C ALA A 249 29.93 -20.64 -27.88
N LEU A 250 30.96 -20.60 -28.72
CA LEU A 250 31.30 -19.38 -29.43
C LEU A 250 30.15 -18.93 -30.31
N MET A 251 29.60 -19.87 -31.05
CA MET A 251 28.49 -19.58 -31.94
C MET A 251 27.33 -19.01 -31.14
N THR A 252 27.03 -19.66 -30.03
CA THR A 252 25.92 -19.23 -29.19
C THR A 252 26.13 -17.84 -28.63
N ALA A 253 27.27 -17.62 -28.02
CA ALA A 253 27.55 -16.31 -27.43
C ALA A 253 27.51 -15.22 -28.51
N VAL A 254 28.17 -15.46 -29.63
CA VAL A 254 28.21 -14.46 -30.68
C VAL A 254 26.83 -14.16 -31.25
N CYS A 255 26.07 -15.20 -31.57
CA CYS A 255 24.76 -14.97 -32.12
C CYS A 255 23.86 -14.30 -31.10
N TYR A 256 24.01 -14.69 -29.83
CA TYR A 256 23.21 -14.09 -28.77
C TYR A 256 23.51 -12.59 -28.68
N SER A 257 24.79 -12.25 -28.76
CA SER A 257 25.20 -10.85 -28.68
C SER A 257 24.66 -10.02 -29.84
N ALA A 258 24.19 -10.69 -30.89
CA ALA A 258 23.66 -9.99 -32.06
C ALA A 258 22.13 -9.87 -32.04
N ILE A 259 21.51 -10.30 -30.96
CA ILE A 259 20.07 -10.22 -30.87
C ILE A 259 19.64 -8.84 -30.40
N ILE A 260 18.67 -8.27 -31.11
CA ILE A 260 18.14 -6.96 -30.74
C ILE A 260 16.82 -7.28 -30.07
N PHE A 261 16.73 -7.04 -28.77
CA PHE A 261 15.52 -7.36 -28.03
C PHE A 261 14.41 -6.33 -28.10
N GLU A 262 13.83 -6.20 -29.29
CA GLU A 262 12.72 -5.30 -29.50
C GLU A 262 11.54 -6.20 -29.76
N THR A 263 10.43 -5.60 -30.14
CA THR A 263 9.25 -6.37 -30.45
C THR A 263 8.84 -5.97 -31.85
N PRO A 264 9.04 -6.88 -32.82
CA PRO A 264 9.65 -8.20 -32.59
C PRO A 264 11.16 -8.16 -32.50
N LEU A 265 11.75 -9.33 -32.25
CA LEU A 265 13.21 -9.46 -32.15
C LEU A 265 13.84 -9.38 -33.53
N ARG A 266 15.03 -8.81 -33.60
CA ARG A 266 15.73 -8.74 -34.87
C ARG A 266 17.21 -9.05 -34.69
N VAL A 267 17.89 -9.22 -35.81
CA VAL A 267 19.32 -9.52 -35.78
C VAL A 267 20.13 -8.29 -36.16
N ASP A 268 21.14 -7.98 -35.37
CA ASP A 268 21.99 -6.84 -35.70
C ASP A 268 23.10 -7.38 -36.59
N VAL A 269 22.90 -7.31 -37.91
CA VAL A 269 23.88 -7.82 -38.84
C VAL A 269 25.25 -7.17 -38.70
N ALA A 270 25.29 -5.95 -38.17
CA ALA A 270 26.58 -5.27 -37.99
C ALA A 270 27.42 -6.03 -36.97
N VAL A 271 26.77 -6.59 -35.96
CA VAL A 271 27.48 -7.33 -34.93
C VAL A 271 28.09 -8.59 -35.52
N LEU A 272 27.28 -9.30 -36.30
CA LEU A 272 27.73 -10.52 -36.95
C LEU A 272 28.92 -10.20 -37.85
N LYS A 273 28.78 -9.20 -38.71
CA LYS A 273 29.87 -8.84 -39.58
C LYS A 273 31.15 -8.61 -38.77
N ALA A 274 31.03 -7.87 -37.68
CA ALA A 274 32.18 -7.59 -36.84
C ALA A 274 32.79 -8.85 -36.21
N ARG A 275 31.98 -9.89 -36.01
CA ARG A 275 32.49 -11.10 -35.39
C ARG A 275 32.80 -12.21 -36.38
N ALA A 276 32.45 -12.00 -37.65
CA ALA A 276 32.65 -13.01 -38.67
C ALA A 276 34.01 -13.72 -38.62
N LYS A 277 35.07 -12.94 -38.52
CA LYS A 277 36.41 -13.50 -38.50
C LYS A 277 36.64 -14.36 -37.27
N LEU A 278 36.05 -13.95 -36.16
CA LEU A 278 36.18 -14.69 -34.92
C LEU A 278 35.56 -16.09 -35.10
N LEU A 279 34.36 -16.12 -35.66
CA LEU A 279 33.66 -17.39 -35.88
C LEU A 279 34.33 -18.26 -36.94
N GLN A 280 34.73 -17.65 -38.06
CA GLN A 280 35.37 -18.40 -39.15
C GLN A 280 36.57 -19.18 -38.64
N LYS A 281 37.30 -18.56 -37.73
CA LYS A 281 38.50 -19.16 -37.17
C LYS A 281 38.23 -20.55 -36.60
N TYR A 282 37.17 -20.68 -35.82
CA TYR A 282 36.87 -21.97 -35.23
C TYR A 282 35.91 -22.81 -36.06
N LEU A 283 35.07 -22.14 -36.85
CA LEU A 283 34.16 -22.88 -37.73
C LEU A 283 34.99 -23.11 -39.00
N CYS A 284 36.08 -23.85 -38.82
CA CYS A 284 37.02 -24.14 -39.90
C CYS A 284 36.69 -25.26 -40.89
N ASP A 285 35.56 -25.95 -40.72
CA ASP A 285 35.17 -26.99 -41.68
C ASP A 285 33.66 -27.22 -41.66
N GLU A 286 33.15 -27.91 -42.68
CA GLU A 286 31.72 -28.16 -42.81
C GLU A 286 31.15 -28.76 -41.54
N GLN A 287 31.89 -29.70 -40.95
CA GLN A 287 31.46 -30.36 -39.72
C GLN A 287 31.18 -29.33 -38.64
N LYS A 288 32.16 -28.46 -38.40
CA LYS A 288 32.05 -27.45 -37.37
C LYS A 288 30.99 -26.41 -37.69
N GLU A 289 30.86 -26.05 -38.97
CA GLU A 289 29.84 -25.11 -39.38
C GLU A 289 28.48 -25.72 -39.04
N LEU A 290 28.31 -27.00 -39.34
CA LEU A 290 27.05 -27.69 -39.05
C LEU A 290 26.77 -27.65 -37.56
N GLN A 291 27.79 -28.00 -36.78
CA GLN A 291 27.68 -28.01 -35.34
C GLN A 291 27.25 -26.60 -34.88
N ALA A 292 27.77 -25.57 -35.54
CA ALA A 292 27.42 -24.20 -35.19
C ALA A 292 25.95 -23.92 -35.50
N LEU A 293 25.48 -24.41 -36.64
CA LEU A 293 24.09 -24.23 -37.01
C LEU A 293 23.17 -24.87 -35.98
N TYR A 294 23.53 -26.06 -35.51
CA TYR A 294 22.73 -26.72 -34.49
C TYR A 294 22.62 -25.84 -33.26
N ALA A 295 23.75 -25.30 -32.84
CA ALA A 295 23.80 -24.44 -31.68
C ALA A 295 22.88 -23.24 -31.88
N LEU A 296 23.02 -22.57 -33.02
CA LEU A 296 22.20 -21.41 -33.31
C LEU A 296 20.72 -21.79 -33.25
N GLN A 297 20.43 -22.96 -33.80
CA GLN A 297 19.05 -23.43 -33.83
C GLN A 297 18.51 -23.59 -32.43
N ALA A 298 19.27 -24.28 -31.57
CA ALA A 298 18.81 -24.48 -30.20
C ALA A 298 18.60 -23.13 -29.53
N LEU A 299 19.43 -22.16 -29.90
CA LEU A 299 19.32 -20.83 -29.32
C LEU A 299 17.96 -20.24 -29.68
N VAL A 300 17.69 -20.17 -30.97
CA VAL A 300 16.44 -19.61 -31.45
C VAL A 300 15.25 -20.36 -30.86
N VAL A 301 15.43 -21.65 -30.62
CA VAL A 301 14.37 -22.43 -30.03
C VAL A 301 14.05 -21.88 -28.63
N THR A 302 15.09 -21.60 -27.84
CA THR A 302 14.87 -21.08 -26.49
C THR A 302 14.20 -19.71 -26.52
N LEU A 303 14.27 -19.05 -27.67
CA LEU A 303 13.63 -17.74 -27.81
C LEU A 303 12.19 -17.94 -28.23
N GLU A 304 11.74 -19.19 -28.15
CA GLU A 304 10.38 -19.55 -28.53
C GLU A 304 10.10 -19.32 -30.01
N GLN A 305 10.92 -19.96 -30.84
CA GLN A 305 10.80 -19.90 -32.29
C GLN A 305 10.11 -18.66 -32.83
N PRO A 306 10.63 -17.47 -32.52
CA PRO A 306 9.95 -16.28 -33.05
C PRO A 306 9.88 -16.42 -34.57
N PRO A 307 8.97 -15.68 -35.21
CA PRO A 307 8.82 -15.74 -36.66
C PRO A 307 10.07 -15.43 -37.50
N ASN A 308 10.47 -16.40 -38.31
CA ASN A 308 11.62 -16.29 -39.21
C ASN A 308 12.88 -15.56 -38.75
N LEU A 309 13.24 -15.72 -37.47
CA LEU A 309 14.44 -15.07 -36.96
C LEU A 309 15.67 -15.88 -37.38
N LEU A 310 15.50 -17.20 -37.39
CA LEU A 310 16.57 -18.13 -37.78
C LEU A 310 17.04 -17.84 -39.19
N ARG A 311 16.08 -17.56 -40.05
CA ARG A 311 16.37 -17.28 -41.45
C ARG A 311 17.20 -16.01 -41.53
N MET A 312 16.92 -15.08 -40.63
CA MET A 312 17.66 -13.82 -40.62
C MET A 312 19.11 -14.09 -40.24
N PHE A 313 19.32 -15.04 -39.34
CA PHE A 313 20.68 -15.37 -38.97
C PHE A 313 21.33 -16.08 -40.16
N PHE A 314 20.59 -17.03 -40.75
CA PHE A 314 21.13 -17.77 -41.88
C PHE A 314 21.65 -16.84 -42.97
N ASP A 315 20.83 -15.86 -43.35
CA ASP A 315 21.20 -14.92 -44.39
C ASP A 315 22.49 -14.18 -44.06
N ALA A 316 22.55 -13.59 -42.88
CA ALA A 316 23.74 -12.85 -42.48
C ALA A 316 24.95 -13.76 -42.47
N LEU A 317 24.79 -14.95 -41.90
CA LEU A 317 25.89 -15.91 -41.80
C LEU A 317 26.37 -16.32 -43.18
N TYR A 318 25.44 -16.54 -44.08
CA TYR A 318 25.81 -16.91 -45.43
C TYR A 318 26.51 -15.73 -46.07
N ASP A 319 25.94 -14.54 -45.89
CA ASP A 319 26.50 -13.32 -46.46
C ASP A 319 27.90 -13.03 -45.97
N GLU A 320 28.17 -13.35 -44.71
CA GLU A 320 29.47 -13.07 -44.15
C GLU A 320 30.47 -14.18 -44.38
N ASP A 321 30.06 -15.22 -45.10
CA ASP A 321 30.98 -16.31 -45.40
C ASP A 321 31.31 -17.10 -44.13
N VAL A 322 30.42 -17.07 -43.16
CA VAL A 322 30.65 -17.79 -41.93
C VAL A 322 30.22 -19.24 -42.08
N VAL A 323 29.09 -19.44 -42.74
CA VAL A 323 28.57 -20.78 -42.99
C VAL A 323 28.39 -20.92 -44.49
N LYS A 324 29.05 -21.93 -45.07
CA LYS A 324 28.97 -22.16 -46.51
C LYS A 324 27.78 -23.04 -46.92
N GLU A 325 27.47 -23.00 -48.21
CA GLU A 325 26.34 -23.74 -48.78
C GLU A 325 26.19 -25.19 -48.40
N ASP A 326 27.28 -25.94 -48.45
CA ASP A 326 27.20 -27.36 -48.10
C ASP A 326 26.73 -27.60 -46.67
N ALA A 327 27.22 -26.80 -45.73
CA ALA A 327 26.78 -26.96 -44.35
C ALA A 327 25.26 -26.71 -44.28
N PHE A 328 24.79 -25.73 -45.05
CA PHE A 328 23.38 -25.45 -45.06
C PHE A 328 22.61 -26.65 -45.65
N TYR A 329 23.15 -27.21 -46.73
CA TYR A 329 22.53 -28.35 -47.37
C TYR A 329 22.37 -29.47 -46.35
N SER A 330 23.48 -29.81 -45.70
CA SER A 330 23.50 -30.88 -44.71
C SER A 330 22.55 -30.60 -43.54
N TRP A 331 22.48 -29.34 -43.13
CA TRP A 331 21.61 -28.99 -42.03
C TRP A 331 20.17 -29.33 -42.39
N GLU A 332 19.80 -29.10 -43.65
CA GLU A 332 18.46 -29.38 -44.11
C GLU A 332 17.98 -30.79 -43.78
N SER A 333 18.92 -31.72 -43.60
CA SER A 333 18.55 -33.09 -43.25
C SER A 333 18.17 -33.17 -41.78
N SER B 1 7.92 -27.40 25.76
CA SER B 1 6.88 -27.94 26.68
C SER B 1 5.51 -27.96 26.02
N LYS B 2 4.58 -28.69 26.62
CA LYS B 2 3.23 -28.77 26.11
C LYS B 2 2.65 -27.35 26.05
N ALA B 3 2.80 -26.62 27.15
CA ALA B 3 2.32 -25.24 27.25
C ALA B 3 2.98 -24.36 26.19
N ALA B 4 4.28 -24.54 26.00
CA ALA B 4 5.03 -23.76 25.02
C ALA B 4 4.44 -23.98 23.62
N LEU B 5 4.27 -25.24 23.24
CA LEU B 5 3.71 -25.54 21.93
C LEU B 5 2.31 -24.95 21.82
N SER B 6 1.57 -24.96 22.93
CA SER B 6 0.21 -24.41 22.95
C SER B 6 0.24 -22.93 22.54
N GLU B 7 1.16 -22.17 23.11
CA GLU B 7 1.24 -20.76 22.75
C GLU B 7 1.69 -20.62 21.28
N GLU B 8 2.59 -21.51 20.86
CA GLU B 8 3.08 -21.49 19.48
C GLU B 8 1.95 -21.77 18.50
N GLU B 9 1.22 -22.85 18.76
CA GLU B 9 0.13 -23.26 17.91
C GLU B 9 -0.94 -22.19 17.82
N LEU B 10 -1.26 -21.56 18.96
CA LEU B 10 -2.28 -20.53 18.99
C LEU B 10 -1.86 -19.34 18.13
N GLU B 11 -0.59 -18.95 18.25
CA GLU B 11 -0.12 -17.84 17.43
C GLU B 11 -0.26 -18.22 15.97
N LYS B 12 0.12 -19.46 15.66
CA LYS B 12 0.04 -19.95 14.29
C LYS B 12 -1.39 -19.82 13.75
N LYS B 13 -2.36 -20.27 14.55
CA LYS B 13 -3.74 -20.20 14.13
C LYS B 13 -4.25 -18.76 14.08
N SER B 14 -3.74 -17.91 14.97
CA SER B 14 -4.15 -16.51 14.98
C SER B 14 -3.71 -15.92 13.66
N LYS B 15 -2.50 -16.28 13.24
CA LYS B 15 -1.95 -15.76 11.99
C LYS B 15 -2.82 -16.17 10.81
N ALA B 16 -3.12 -17.47 10.73
CA ALA B 16 -3.95 -17.96 9.64
C ALA B 16 -5.27 -17.22 9.62
N ILE B 17 -5.95 -17.21 10.76
CA ILE B 17 -7.24 -16.54 10.87
C ILE B 17 -7.16 -15.07 10.49
N ILE B 18 -6.19 -14.37 11.06
CA ILE B 18 -6.03 -12.95 10.80
C ILE B 18 -5.73 -12.67 9.33
N GLU B 19 -4.86 -13.48 8.73
CA GLU B 19 -4.51 -13.29 7.33
C GLU B 19 -5.72 -13.43 6.43
N GLU B 20 -6.50 -14.48 6.64
CA GLU B 20 -7.69 -14.72 5.82
C GLU B 20 -8.68 -13.58 5.99
N TYR B 21 -8.83 -13.10 7.21
CA TYR B 21 -9.75 -12.02 7.50
C TYR B 21 -9.40 -10.74 6.77
N LEU B 22 -8.13 -10.34 6.83
CA LEU B 22 -7.69 -9.12 6.17
C LEU B 22 -7.82 -9.27 4.66
N HIS B 23 -7.77 -10.51 4.18
CA HIS B 23 -7.87 -10.78 2.76
C HIS B 23 -9.32 -10.81 2.28
N LEU B 24 -10.16 -11.60 2.94
CA LEU B 24 -11.55 -11.75 2.55
C LEU B 24 -12.53 -10.79 3.22
N ASN B 25 -12.17 -10.29 4.40
CA ASN B 25 -13.02 -9.36 5.14
C ASN B 25 -14.32 -9.96 5.65
N ASP B 26 -14.34 -11.28 5.83
CA ASP B 26 -15.53 -11.94 6.33
C ASP B 26 -15.49 -11.92 7.85
N MET B 27 -16.12 -10.91 8.44
CA MET B 27 -16.14 -10.74 9.88
C MET B 27 -16.72 -11.94 10.63
N LYS B 28 -17.88 -12.38 10.20
CA LYS B 28 -18.55 -13.49 10.84
C LYS B 28 -17.71 -14.76 10.83
N GLU B 29 -16.99 -15.01 9.75
CA GLU B 29 -16.16 -16.19 9.68
C GLU B 29 -15.00 -16.09 10.66
N ALA B 30 -14.41 -14.91 10.74
CA ALA B 30 -13.28 -14.67 11.63
C ALA B 30 -13.71 -14.86 13.08
N VAL B 31 -14.83 -14.24 13.44
CA VAL B 31 -15.35 -14.33 14.80
C VAL B 31 -15.54 -15.79 15.20
N GLN B 32 -16.20 -16.56 14.33
CA GLN B 32 -16.46 -17.96 14.61
C GLN B 32 -15.16 -18.74 14.76
N CYS B 33 -14.23 -18.50 13.84
CA CYS B 33 -12.95 -19.19 13.91
C CYS B 33 -12.30 -18.94 15.27
N VAL B 34 -12.39 -17.70 15.76
CA VAL B 34 -11.80 -17.40 17.05
C VAL B 34 -12.52 -18.19 18.13
N GLN B 35 -13.84 -18.23 18.02
CA GLN B 35 -14.65 -18.96 18.97
C GLN B 35 -14.28 -20.45 18.97
N GLU B 36 -14.01 -20.99 17.79
CA GLU B 36 -13.66 -22.39 17.68
C GLU B 36 -12.31 -22.72 18.30
N LEU B 37 -11.55 -21.69 18.64
CA LEU B 37 -10.26 -21.92 19.28
C LEU B 37 -10.55 -22.35 20.71
N ALA B 38 -11.65 -21.82 21.26
CA ALA B 38 -12.04 -22.14 22.63
C ALA B 38 -10.83 -22.02 23.54
N SER B 39 -10.17 -20.87 23.49
CA SER B 39 -8.99 -20.61 24.30
C SER B 39 -9.04 -19.16 24.76
N PRO B 40 -10.11 -18.80 25.51
CA PRO B 40 -10.36 -17.46 26.04
C PRO B 40 -9.19 -16.85 26.81
N SER B 41 -8.45 -17.70 27.54
CA SER B 41 -7.33 -17.23 28.35
C SER B 41 -6.04 -17.05 27.60
N LEU B 42 -6.06 -17.34 26.30
CA LEU B 42 -4.86 -17.20 25.49
C LEU B 42 -5.11 -16.25 24.33
N LEU B 43 -6.27 -15.60 24.31
CA LEU B 43 -6.55 -14.69 23.22
C LEU B 43 -5.65 -13.44 23.23
N PHE B 44 -4.91 -13.23 24.32
CA PHE B 44 -4.01 -12.08 24.35
C PHE B 44 -3.03 -12.26 23.21
N ILE B 45 -2.71 -13.52 22.91
CA ILE B 45 -1.79 -13.84 21.82
C ILE B 45 -2.37 -13.41 20.48
N PHE B 46 -3.65 -13.71 20.29
CA PHE B 46 -4.34 -13.34 19.07
C PHE B 46 -4.25 -11.83 18.91
N VAL B 47 -4.62 -11.11 19.97
CA VAL B 47 -4.58 -9.66 19.99
C VAL B 47 -3.18 -9.15 19.64
N ARG B 48 -2.20 -9.65 20.38
CA ARG B 48 -0.80 -9.26 20.17
C ARG B 48 -0.41 -9.45 18.71
N HIS B 49 -0.70 -10.62 18.16
CA HIS B 49 -0.34 -10.90 16.79
C HIS B 49 -1.04 -9.93 15.82
N GLY B 50 -2.33 -9.74 16.03
CA GLY B 50 -3.09 -8.84 15.19
C GLY B 50 -2.47 -7.45 15.14
N VAL B 51 -2.08 -6.95 16.30
CA VAL B 51 -1.48 -5.63 16.41
C VAL B 51 -0.13 -5.57 15.70
N GLU B 52 0.71 -6.54 16.02
CA GLU B 52 2.05 -6.66 15.46
C GLU B 52 2.04 -6.73 13.93
N SER B 53 1.23 -7.64 13.40
CA SER B 53 1.15 -7.85 11.97
C SER B 53 0.54 -6.71 11.15
N THR B 54 -0.22 -5.82 11.80
CA THR B 54 -0.84 -4.73 11.05
C THR B 54 -0.26 -3.36 11.33
N LEU B 55 0.52 -3.28 12.39
CA LEU B 55 1.11 -2.02 12.80
C LEU B 55 1.70 -1.20 11.66
N GLU B 56 2.43 -1.87 10.75
CA GLU B 56 3.03 -1.16 9.63
C GLU B 56 2.50 -1.62 8.29
N ARG B 57 1.32 -2.21 8.29
CA ARG B 57 0.70 -2.70 7.07
C ARG B 57 0.03 -1.58 6.30
N SER B 58 -1.05 -1.06 6.85
CA SER B 58 -1.80 0.02 6.22
C SER B 58 -2.85 0.52 7.16
N ALA B 59 -3.36 1.73 6.90
CA ALA B 59 -4.39 2.30 7.73
C ALA B 59 -5.62 1.40 7.68
N ILE B 60 -5.99 0.97 6.48
CA ILE B 60 -7.16 0.11 6.32
C ILE B 60 -7.03 -1.22 7.06
N ALA B 61 -5.82 -1.80 7.06
CA ALA B 61 -5.59 -3.05 7.76
C ALA B 61 -5.76 -2.85 9.27
N ARG B 62 -5.22 -1.74 9.78
CA ARG B 62 -5.33 -1.43 11.20
C ARG B 62 -6.80 -1.26 11.57
N GLU B 63 -7.54 -0.60 10.68
CA GLU B 63 -8.96 -0.37 10.88
C GLU B 63 -9.68 -1.71 10.99
N HIS B 64 -9.51 -2.53 9.96
CA HIS B 64 -10.14 -3.85 9.93
C HIS B 64 -9.76 -4.66 11.17
N MET B 65 -8.50 -4.61 11.57
CA MET B 65 -8.07 -5.37 12.74
C MET B 65 -8.75 -4.84 14.00
N GLY B 66 -8.86 -3.52 14.11
CA GLY B 66 -9.51 -2.93 15.27
C GLY B 66 -10.98 -3.33 15.35
N GLN B 67 -11.65 -3.30 14.20
CA GLN B 67 -13.06 -3.66 14.14
C GLN B 67 -13.27 -5.10 14.57
N LEU B 68 -12.37 -5.99 14.16
CA LEU B 68 -12.49 -7.39 14.51
C LEU B 68 -12.37 -7.57 16.02
N LEU B 69 -11.41 -6.88 16.63
CA LEU B 69 -11.25 -7.01 18.08
C LEU B 69 -12.51 -6.53 18.80
N HIS B 70 -13.09 -5.43 18.31
CA HIS B 70 -14.31 -4.90 18.90
C HIS B 70 -15.40 -5.96 18.80
N GLN B 71 -15.49 -6.60 17.64
CA GLN B 71 -16.48 -7.64 17.42
C GLN B 71 -16.28 -8.79 18.41
N LEU B 72 -15.04 -9.27 18.52
CA LEU B 72 -14.69 -10.36 19.43
C LEU B 72 -15.03 -9.99 20.86
N LEU B 73 -14.76 -8.73 21.21
CA LEU B 73 -15.06 -8.24 22.53
C LEU B 73 -16.57 -8.28 22.74
N CYS B 74 -17.28 -7.68 21.79
CA CYS B 74 -18.74 -7.62 21.83
C CYS B 74 -19.41 -8.98 21.90
N ALA B 75 -18.87 -9.95 21.18
CA ALA B 75 -19.44 -11.29 21.16
C ALA B 75 -19.15 -12.03 22.46
N GLY B 76 -18.30 -11.43 23.29
CA GLY B 76 -17.95 -12.05 24.55
C GLY B 76 -16.87 -13.11 24.44
N HIS B 77 -16.22 -13.21 23.28
CA HIS B 77 -15.16 -14.19 23.12
C HIS B 77 -13.82 -13.65 23.61
N LEU B 78 -13.62 -12.35 23.47
CA LEU B 78 -12.40 -11.70 23.93
C LEU B 78 -12.76 -10.86 25.14
N SER B 79 -12.13 -11.17 26.27
CA SER B 79 -12.40 -10.42 27.49
C SER B 79 -11.63 -9.12 27.45
N THR B 80 -12.14 -8.12 28.16
CA THR B 80 -11.49 -6.83 28.25
C THR B 80 -10.05 -7.06 28.69
N ALA B 81 -9.91 -7.83 29.77
CA ALA B 81 -8.61 -8.14 30.34
C ALA B 81 -7.64 -8.74 29.32
N GLN B 82 -8.11 -9.72 28.56
CA GLN B 82 -7.25 -10.35 27.58
C GLN B 82 -6.86 -9.36 26.50
N TYR B 83 -7.80 -8.49 26.15
CA TYR B 83 -7.56 -7.44 25.15
C TYR B 83 -6.38 -6.58 25.64
N TYR B 84 -6.52 -6.08 26.86
CA TYR B 84 -5.46 -5.24 27.43
C TYR B 84 -4.12 -5.98 27.50
N GLN B 85 -4.15 -7.24 27.93
CA GLN B 85 -2.91 -8.01 28.03
C GLN B 85 -2.17 -8.04 26.69
N GLY B 86 -2.90 -8.31 25.61
CA GLY B 86 -2.29 -8.38 24.30
C GLY B 86 -1.70 -7.04 23.87
N LEU B 87 -2.45 -5.96 24.09
CA LEU B 87 -2.01 -4.63 23.72
C LEU B 87 -0.79 -4.19 24.52
N TYR B 88 -0.86 -4.37 25.83
CA TYR B 88 0.23 -3.99 26.71
C TYR B 88 1.57 -4.53 26.21
N GLU B 89 1.54 -5.76 25.72
CA GLU B 89 2.76 -6.39 25.22
C GLU B 89 3.43 -5.51 24.16
N ILE B 90 2.64 -4.81 23.36
CA ILE B 90 3.20 -3.95 22.32
C ILE B 90 3.30 -2.48 22.74
N LEU B 91 2.35 -2.01 23.53
CA LEU B 91 2.37 -0.63 23.98
C LEU B 91 3.65 -0.41 24.79
N GLU B 92 4.09 -1.48 25.42
CA GLU B 92 5.29 -1.51 26.25
C GLU B 92 6.54 -1.20 25.42
N LEU B 93 6.54 -1.63 24.16
CA LEU B 93 7.68 -1.42 23.26
C LEU B 93 7.49 -0.23 22.33
N ALA B 94 6.33 0.42 22.42
CA ALA B 94 6.03 1.55 21.55
C ALA B 94 7.09 2.64 21.55
N GLU B 95 7.39 3.17 22.73
CA GLU B 95 8.37 4.23 22.84
C GLU B 95 9.64 3.92 22.07
N ASP B 96 10.08 2.66 22.13
CA ASP B 96 11.28 2.24 21.45
C ASP B 96 11.15 2.21 19.93
N MET B 97 9.98 1.81 19.44
CA MET B 97 9.74 1.73 18.01
C MET B 97 9.68 3.11 17.37
N GLU B 98 9.27 4.09 18.17
CA GLU B 98 9.14 5.46 17.68
C GLU B 98 10.34 5.91 16.85
N ILE B 99 11.53 5.43 17.23
CA ILE B 99 12.77 5.77 16.55
C ILE B 99 12.70 5.42 15.07
N ASP B 100 12.25 4.20 14.79
CA ASP B 100 12.15 3.73 13.42
C ASP B 100 10.77 3.91 12.81
N ILE B 101 9.76 4.08 13.66
CA ILE B 101 8.39 4.24 13.19
C ILE B 101 7.82 5.51 13.83
N PRO B 102 8.12 6.67 13.22
CA PRO B 102 7.71 8.02 13.65
C PRO B 102 6.25 8.21 14.06
N HIS B 103 5.35 7.62 13.30
CA HIS B 103 3.93 7.76 13.58
C HIS B 103 3.34 6.56 14.30
N VAL B 104 4.20 5.78 14.95
CA VAL B 104 3.76 4.60 15.67
C VAL B 104 2.55 4.86 16.56
N TRP B 105 2.54 5.99 17.25
CA TRP B 105 1.42 6.32 18.12
C TRP B 105 0.14 6.43 17.32
N LEU B 106 0.23 7.04 16.15
CA LEU B 106 -0.93 7.19 15.31
C LEU B 106 -1.45 5.82 14.89
N TYR B 107 -0.53 4.93 14.54
CA TYR B 107 -0.88 3.59 14.10
C TYR B 107 -1.58 2.83 15.20
N LEU B 108 -1.12 3.05 16.43
CA LEU B 108 -1.69 2.40 17.58
C LEU B 108 -3.10 2.95 17.81
N ALA B 109 -3.25 4.26 17.70
CA ALA B 109 -4.57 4.84 17.87
C ALA B 109 -5.53 4.23 16.84
N GLU B 110 -5.07 4.06 15.60
CA GLU B 110 -5.91 3.50 14.55
C GLU B 110 -6.35 2.07 14.88
N LEU B 111 -5.55 1.37 15.66
CA LEU B 111 -5.88 0.02 16.02
C LEU B 111 -6.86 -0.05 17.20
N VAL B 112 -6.68 0.87 18.15
CA VAL B 112 -7.50 0.89 19.35
C VAL B 112 -8.87 1.58 19.26
N THR B 113 -8.91 2.73 18.61
CA THR B 113 -10.13 3.51 18.51
C THR B 113 -11.43 2.75 18.22
N PRO B 114 -11.41 1.78 17.28
CA PRO B 114 -12.65 1.04 17.01
C PRO B 114 -13.25 0.41 18.26
N ILE B 115 -12.41 0.18 19.26
CA ILE B 115 -12.85 -0.41 20.52
C ILE B 115 -13.82 0.48 21.28
N LEU B 116 -13.86 1.75 20.93
CA LEU B 116 -14.75 2.71 21.58
C LEU B 116 -16.18 2.65 21.07
N GLN B 117 -16.42 1.88 20.01
CA GLN B 117 -17.78 1.77 19.47
C GLN B 117 -18.74 1.07 20.42
N GLU B 118 -20.02 1.32 20.21
CA GLU B 118 -21.08 0.72 21.01
C GLU B 118 -20.77 -0.76 21.26
N GLY B 119 -20.94 -1.21 22.49
CA GLY B 119 -20.66 -2.59 22.81
C GLY B 119 -19.21 -2.76 23.19
N GLY B 120 -18.44 -1.69 23.00
CA GLY B 120 -17.03 -1.72 23.33
C GLY B 120 -16.76 -1.20 24.72
N VAL B 121 -15.57 -0.61 24.90
CA VAL B 121 -15.18 -0.08 26.20
C VAL B 121 -15.46 1.41 26.35
N PRO B 122 -15.96 1.80 27.53
CA PRO B 122 -16.29 3.20 27.84
C PRO B 122 -15.00 4.01 27.75
N MET B 123 -15.08 5.22 27.20
CA MET B 123 -13.89 6.07 27.05
C MET B 123 -13.07 6.19 28.32
N GLY B 124 -13.73 6.57 29.41
CA GLY B 124 -13.01 6.73 30.67
C GLY B 124 -12.22 5.51 31.03
N GLU B 125 -12.89 4.36 31.05
CA GLU B 125 -12.22 3.11 31.39
C GLU B 125 -11.09 2.80 30.41
N LEU B 126 -11.39 2.90 29.11
CA LEU B 126 -10.38 2.61 28.11
C LEU B 126 -9.13 3.46 28.28
N PHE B 127 -9.31 4.77 28.31
CA PHE B 127 -8.17 5.69 28.45
C PHE B 127 -7.34 5.41 29.70
N ARG B 128 -8.02 5.08 30.79
CA ARG B 128 -7.31 4.82 32.04
C ARG B 128 -6.59 3.48 32.05
N GLU B 129 -7.19 2.46 31.46
CA GLU B 129 -6.53 1.16 31.45
C GLU B 129 -5.42 1.14 30.42
N ILE B 130 -5.78 1.43 29.17
CA ILE B 130 -4.83 1.44 28.07
C ILE B 130 -3.52 2.19 28.35
N THR B 131 -3.56 3.23 29.19
CA THR B 131 -2.36 4.01 29.46
C THR B 131 -1.41 3.60 30.59
N LYS B 132 -1.78 2.59 31.38
CA LYS B 132 -0.88 2.19 32.46
C LYS B 132 0.54 1.94 31.94
N PRO B 133 0.67 1.14 30.88
CA PRO B 133 2.00 0.86 30.33
C PRO B 133 2.78 2.15 30.10
N LEU B 134 2.06 3.24 29.91
CA LEU B 134 2.70 4.53 29.64
C LEU B 134 2.80 5.37 30.91
N ARG B 135 2.34 4.84 32.02
CA ARG B 135 2.46 5.55 33.29
C ARG B 135 3.97 5.79 33.46
N PRO B 136 4.78 4.76 33.18
CA PRO B 136 6.24 4.85 33.28
C PRO B 136 6.84 5.79 32.26
N LEU B 137 6.61 5.48 30.99
CA LEU B 137 7.15 6.28 29.88
C LEU B 137 6.82 7.76 30.03
N GLY B 138 5.72 8.07 30.71
CA GLY B 138 5.31 9.45 30.83
C GLY B 138 4.86 9.79 29.43
N LYS B 139 4.36 8.77 28.75
CA LYS B 139 3.90 8.85 27.36
C LYS B 139 2.40 8.68 27.11
N ALA B 140 1.59 8.65 28.16
CA ALA B 140 0.16 8.47 28.00
C ALA B 140 -0.45 9.43 26.98
N ALA B 141 -0.03 10.69 27.06
CA ALA B 141 -0.54 11.72 26.17
C ALA B 141 -0.33 11.40 24.69
N SER B 142 0.83 10.88 24.37
CA SER B 142 1.15 10.56 22.99
C SER B 142 0.11 9.67 22.31
N LEU B 143 -0.46 8.75 23.08
CA LEU B 143 -1.46 7.86 22.53
C LEU B 143 -2.86 8.46 22.52
N LEU B 144 -3.31 8.90 23.69
CA LEU B 144 -4.64 9.50 23.82
C LEU B 144 -4.82 10.63 22.82
N LEU B 145 -3.79 11.44 22.63
CA LEU B 145 -3.87 12.52 21.67
C LEU B 145 -4.23 12.01 20.27
N GLU B 146 -3.57 10.95 19.82
CA GLU B 146 -3.86 10.41 18.48
C GLU B 146 -5.29 9.83 18.46
N ILE B 147 -5.73 9.31 19.59
CA ILE B 147 -7.07 8.74 19.67
C ILE B 147 -8.11 9.85 19.61
N LEU B 148 -7.88 10.92 20.34
CA LEU B 148 -8.82 12.04 20.34
C LEU B 148 -8.88 12.62 18.93
N GLY B 149 -7.73 12.58 18.26
CA GLY B 149 -7.66 13.10 16.90
C GLY B 149 -8.57 12.33 15.97
N LEU B 150 -8.51 11.01 16.05
CA LEU B 150 -9.34 10.17 15.21
C LEU B 150 -10.81 10.41 15.49
N LEU B 151 -11.17 10.45 16.77
CA LEU B 151 -12.55 10.70 17.15
C LEU B 151 -13.04 12.03 16.59
N CYS B 152 -12.25 13.09 16.79
CA CYS B 152 -12.62 14.41 16.30
C CYS B 152 -12.97 14.31 14.82
N LYS B 153 -12.12 13.61 14.07
CA LYS B 153 -12.33 13.42 12.63
C LYS B 153 -13.70 12.83 12.33
N SER B 154 -14.18 11.95 13.20
CA SER B 154 -15.45 11.30 12.95
C SER B 154 -16.68 11.93 13.60
N MET B 155 -16.50 12.79 14.60
CA MET B 155 -17.68 13.35 15.25
C MET B 155 -17.59 14.81 15.70
N GLY B 156 -16.43 15.42 15.52
CA GLY B 156 -16.29 16.81 15.94
C GLY B 156 -15.76 16.92 17.36
N PRO B 157 -14.73 17.76 17.56
CA PRO B 157 -14.09 17.98 18.85
C PRO B 157 -15.10 18.34 19.94
N LYS B 158 -16.13 19.07 19.56
CA LYS B 158 -17.15 19.46 20.52
C LYS B 158 -17.70 18.21 21.21
N LYS B 159 -18.26 17.31 20.41
CA LYS B 159 -18.83 16.08 20.95
C LYS B 159 -17.74 15.27 21.65
N VAL B 160 -16.54 15.30 21.10
CA VAL B 160 -15.45 14.55 21.72
C VAL B 160 -15.20 15.09 23.13
N GLY B 161 -15.11 16.42 23.24
CA GLY B 161 -14.88 17.02 24.54
C GLY B 161 -15.97 16.64 25.53
N THR B 162 -17.20 16.61 25.05
CA THR B 162 -18.31 16.25 25.91
C THR B 162 -18.12 14.81 26.39
N LEU B 163 -17.71 13.93 25.48
CA LEU B 163 -17.49 12.53 25.83
C LEU B 163 -16.40 12.43 26.90
N TRP B 164 -15.33 13.16 26.68
CA TRP B 164 -14.21 13.20 27.61
C TRP B 164 -14.72 13.67 28.97
N ARG B 165 -15.42 14.79 28.98
CA ARG B 165 -15.95 15.35 30.22
C ARG B 165 -16.90 14.38 30.95
N GLU B 166 -17.85 13.80 30.23
CA GLU B 166 -18.79 12.88 30.84
C GLU B 166 -18.07 11.68 31.46
N ALA B 167 -16.89 11.35 30.96
CA ALA B 167 -16.14 10.23 31.52
C ALA B 167 -15.39 10.72 32.75
N GLY B 168 -15.57 12.00 33.08
CA GLY B 168 -14.91 12.56 34.24
C GLY B 168 -13.40 12.51 34.08
N LEU B 169 -12.95 12.50 32.83
CA LEU B 169 -11.52 12.44 32.55
C LEU B 169 -10.81 13.76 32.85
N SER B 170 -9.56 13.64 33.25
CA SER B 170 -8.72 14.80 33.56
C SER B 170 -7.31 14.54 33.06
N TRP B 171 -6.74 15.52 32.38
CA TRP B 171 -5.38 15.38 31.87
C TRP B 171 -4.42 15.19 33.02
N LYS B 172 -4.83 15.65 34.20
CA LYS B 172 -3.99 15.49 35.37
C LYS B 172 -3.66 14.01 35.45
N GLU B 173 -4.67 13.19 35.16
CA GLU B 173 -4.52 11.75 35.19
C GLU B 173 -3.43 11.24 34.25
N PHE B 174 -3.08 12.01 33.23
CA PHE B 174 -2.10 11.51 32.28
C PHE B 174 -0.85 12.32 32.06
N LEU B 175 -0.73 13.47 32.72
CA LEU B 175 0.45 14.30 32.53
C LEU B 175 1.41 14.23 33.71
N PRO B 176 2.66 14.68 33.50
CA PRO B 176 3.72 14.70 34.52
C PRO B 176 3.36 15.73 35.58
N GLU B 177 3.79 15.47 36.81
CA GLU B 177 3.51 16.40 37.91
C GLU B 177 4.11 17.76 37.59
N GLY B 178 3.37 18.81 37.90
CA GLY B 178 3.87 20.15 37.62
C GLY B 178 3.50 20.66 36.25
N GLN B 179 3.35 19.74 35.30
CA GLN B 179 2.98 20.09 33.93
C GLN B 179 1.75 21.01 33.97
N ASP B 180 1.87 22.20 33.39
CA ASP B 180 0.73 23.11 33.40
C ASP B 180 -0.31 22.63 32.41
N ILE B 181 -1.41 22.10 32.94
CA ILE B 181 -2.49 21.60 32.12
C ILE B 181 -2.87 22.68 31.11
N GLY B 182 -3.13 23.89 31.62
CA GLY B 182 -3.50 25.00 30.77
C GLY B 182 -2.61 25.14 29.55
N ALA B 183 -1.30 25.00 29.75
CA ALA B 183 -0.34 25.12 28.66
C ALA B 183 -0.44 23.94 27.70
N PHE B 184 -0.28 22.74 28.25
CA PHE B 184 -0.34 21.52 27.46
C PHE B 184 -1.57 21.50 26.54
N VAL B 185 -2.74 21.74 27.12
CA VAL B 185 -3.97 21.75 26.35
C VAL B 185 -3.92 22.81 25.26
N ALA B 186 -3.35 23.96 25.59
CA ALA B 186 -3.25 25.04 24.63
C ALA B 186 -2.30 24.68 23.51
N GLU B 187 -1.17 24.07 23.85
CA GLU B 187 -0.17 23.69 22.87
C GLU B 187 -0.55 22.52 21.97
N GLN B 188 -1.15 21.48 22.55
CA GLN B 188 -1.55 20.29 21.78
C GLN B 188 -2.89 20.57 21.07
N LYS B 189 -3.47 21.76 21.28
CA LYS B 189 -4.74 22.12 20.63
C LYS B 189 -5.94 21.25 21.01
N VAL B 190 -6.12 21.01 22.30
CA VAL B 190 -7.25 20.21 22.78
C VAL B 190 -8.04 20.95 23.85
N GLU B 191 -8.16 22.26 23.69
CA GLU B 191 -8.91 23.08 24.63
C GLU B 191 -10.33 22.57 24.74
N TYR B 192 -10.78 21.86 23.71
CA TYR B 192 -12.15 21.34 23.68
C TYR B 192 -12.42 20.32 24.78
N THR B 193 -11.36 19.73 25.34
CA THR B 193 -11.55 18.74 26.39
C THR B 193 -11.82 19.42 27.74
N LEU B 194 -11.56 20.72 27.80
CA LEU B 194 -11.78 21.47 29.03
C LEU B 194 -13.27 21.59 29.34
N ALA B 205 -29.30 18.40 35.47
CA ALA B 205 -28.74 19.15 34.31
C ALA B 205 -29.63 20.33 33.94
N LEU B 206 -29.03 21.34 33.33
CA LEU B 206 -29.77 22.52 32.92
C LEU B 206 -30.74 22.15 31.78
N PRO B 207 -31.98 22.64 31.85
CA PRO B 207 -32.95 22.33 30.80
C PRO B 207 -32.43 22.76 29.43
N SER B 208 -31.70 23.87 29.40
CA SER B 208 -31.15 24.38 28.14
C SER B 208 -30.14 23.41 27.54
N GLU B 209 -29.34 22.75 28.38
CA GLU B 209 -28.37 21.80 27.88
C GLU B 209 -29.05 20.47 27.56
N GLU B 210 -30.07 20.13 28.34
CA GLU B 210 -30.80 18.89 28.12
C GLU B 210 -31.42 19.00 26.72
N LEU B 211 -31.84 20.21 26.38
CA LEU B 211 -32.46 20.49 25.09
C LEU B 211 -31.57 19.99 23.96
N ASN B 212 -30.31 20.43 23.98
CA ASN B 212 -29.36 20.02 22.94
C ASN B 212 -29.30 18.51 22.84
N ARG B 213 -29.25 17.85 23.99
CA ARG B 213 -29.16 16.41 24.01
C ARG B 213 -30.38 15.73 23.39
N GLN B 214 -31.57 16.27 23.66
CA GLN B 214 -32.78 15.67 23.15
C GLN B 214 -33.00 15.92 21.66
N LEU B 215 -32.65 17.11 21.19
CA LEU B 215 -32.81 17.41 19.78
C LEU B 215 -31.82 16.55 19.00
N GLU B 216 -30.62 16.43 19.54
CA GLU B 216 -29.58 15.62 18.94
C GLU B 216 -30.08 14.19 18.76
N LYS B 217 -30.65 13.63 19.83
CA LYS B 217 -31.17 12.29 19.79
C LYS B 217 -32.28 12.18 18.74
N LEU B 218 -33.22 13.11 18.77
CA LEU B 218 -34.32 13.09 17.81
C LEU B 218 -33.79 12.97 16.39
N LEU B 219 -32.81 13.78 16.05
CA LEU B 219 -32.26 13.76 14.71
C LEU B 219 -31.49 12.48 14.45
N LYS B 220 -30.68 12.09 15.43
CA LYS B 220 -29.88 10.88 15.32
C LYS B 220 -30.77 9.70 14.97
N GLU B 221 -31.95 9.62 15.58
CA GLU B 221 -32.84 8.50 15.30
C GLU B 221 -33.72 8.66 14.05
N GLY B 222 -33.38 9.64 13.21
CA GLY B 222 -34.13 9.86 11.98
C GLY B 222 -35.58 10.27 12.13
N SER B 223 -35.90 10.98 13.21
CA SER B 223 -37.26 11.44 13.44
C SER B 223 -37.73 12.35 12.31
N SER B 224 -39.01 12.24 11.96
CA SER B 224 -39.58 13.08 10.91
C SER B 224 -39.80 14.48 11.50
N ASN B 225 -40.02 15.47 10.64
CA ASN B 225 -40.27 16.83 11.13
C ASN B 225 -41.48 16.89 12.05
N GLN B 226 -42.52 16.12 11.74
CA GLN B 226 -43.72 16.12 12.57
C GLN B 226 -43.39 15.64 13.97
N ARG B 227 -42.64 14.55 14.06
CA ARG B 227 -42.26 14.01 15.35
C ARG B 227 -41.52 15.08 16.16
N VAL B 228 -40.64 15.82 15.50
CA VAL B 228 -39.90 16.86 16.21
C VAL B 228 -40.86 17.99 16.59
N PHE B 229 -41.75 18.37 15.66
CA PHE B 229 -42.71 19.42 15.94
C PHE B 229 -43.52 19.01 17.19
N ASP B 230 -44.01 17.78 17.21
CA ASP B 230 -44.79 17.30 18.34
C ASP B 230 -43.99 17.29 19.63
N TRP B 231 -42.77 16.77 19.56
CA TRP B 231 -41.94 16.69 20.74
C TRP B 231 -41.78 18.08 21.36
N ILE B 232 -41.43 19.05 20.54
CA ILE B 232 -41.26 20.41 21.04
C ILE B 232 -42.51 20.89 21.75
N GLU B 233 -43.66 20.69 21.11
CA GLU B 233 -44.93 21.08 21.67
C GLU B 233 -45.22 20.34 22.97
N ALA B 234 -44.88 19.07 23.01
CA ALA B 234 -45.14 18.28 24.20
C ALA B 234 -44.17 18.52 25.33
N ASN B 235 -42.96 18.99 25.00
CA ASN B 235 -41.96 19.15 26.04
C ASN B 235 -41.52 20.54 26.50
N LEU B 236 -41.80 21.58 25.73
CA LEU B 236 -41.38 22.91 26.17
C LEU B 236 -42.58 23.75 26.54
N SER B 237 -42.35 24.75 27.38
CA SER B 237 -43.41 25.66 27.80
C SER B 237 -43.56 26.71 26.72
N GLU B 238 -44.60 27.53 26.83
CA GLU B 238 -44.84 28.59 25.85
C GLU B 238 -43.63 29.50 25.69
N GLN B 239 -43.08 29.94 26.80
CA GLN B 239 -41.91 30.82 26.74
C GLN B 239 -40.76 30.10 26.06
N GLN B 240 -40.51 28.86 26.48
CA GLN B 240 -39.42 28.10 25.90
C GLN B 240 -39.58 27.92 24.39
N ILE B 241 -40.81 27.69 23.97
CA ILE B 241 -41.09 27.49 22.55
C ILE B 241 -40.73 28.66 21.63
N VAL B 242 -40.86 29.89 22.09
CA VAL B 242 -40.52 31.04 21.24
C VAL B 242 -39.15 31.65 21.58
N SER B 243 -38.39 30.96 22.42
CA SER B 243 -37.08 31.42 22.86
C SER B 243 -35.94 31.36 21.85
N ASN B 244 -34.95 32.24 22.02
CA ASN B 244 -33.79 32.24 21.16
C ASN B 244 -33.01 30.96 21.45
N THR B 245 -33.10 30.50 22.70
CA THR B 245 -32.41 29.28 23.09
C THR B 245 -32.83 28.11 22.18
N LEU B 246 -34.13 27.94 21.97
CA LEU B 246 -34.63 26.88 21.11
C LEU B 246 -34.08 27.09 19.70
N VAL B 247 -34.15 28.32 19.22
CA VAL B 247 -33.64 28.65 17.91
C VAL B 247 -32.19 28.21 17.76
N ARG B 248 -31.35 28.62 18.70
CA ARG B 248 -29.94 28.27 18.64
C ARG B 248 -29.72 26.75 18.72
N ALA B 249 -30.37 26.10 19.68
CA ALA B 249 -30.22 24.66 19.83
C ALA B 249 -30.70 23.92 18.57
N LEU B 250 -31.86 24.31 18.07
CA LEU B 250 -32.41 23.66 16.88
C LEU B 250 -31.48 23.83 15.69
N MET B 251 -31.02 25.06 15.49
CA MET B 251 -30.12 25.36 14.39
C MET B 251 -28.88 24.51 14.51
N THR B 252 -28.32 24.46 15.71
CA THR B 252 -27.11 23.68 15.94
C THR B 252 -27.29 22.20 15.67
N ALA B 253 -28.32 21.62 16.25
CA ALA B 253 -28.56 20.20 16.06
C ALA B 253 -28.79 19.89 14.59
N VAL B 254 -29.64 20.67 13.94
CA VAL B 254 -29.94 20.43 12.54
C VAL B 254 -28.72 20.56 11.64
N CYS B 255 -27.96 21.63 11.81
CA CYS B 255 -26.78 21.82 10.99
C CYS B 255 -25.76 20.73 11.28
N TYR B 256 -25.64 20.35 12.56
CA TYR B 256 -24.70 19.29 12.93
C TYR B 256 -25.09 17.98 12.23
N SER B 257 -26.38 17.67 12.23
CA SER B 257 -26.86 16.45 11.60
C SER B 257 -26.60 16.43 10.09
N ALA B 258 -26.30 17.59 9.52
CA ALA B 258 -26.04 17.66 8.07
C ALA B 258 -24.55 17.63 7.73
N ILE B 259 -23.71 17.45 8.73
CA ILE B 259 -22.27 17.40 8.48
C ILE B 259 -21.88 16.01 8.01
N ILE B 260 -21.09 15.96 6.95
CA ILE B 260 -20.59 14.70 6.42
C ILE B 260 -19.15 14.67 6.88
N PHE B 261 -18.84 13.75 7.79
CA PHE B 261 -17.48 13.65 8.33
C PHE B 261 -16.49 12.90 7.49
N GLU B 262 -16.15 13.48 6.35
CA GLU B 262 -15.16 12.90 5.46
C GLU B 262 -13.99 13.85 5.53
N THR B 263 -13.01 13.63 4.67
CA THR B 263 -11.86 14.50 4.62
C THR B 263 -11.75 14.96 3.18
N PRO B 264 -12.08 16.24 2.93
CA PRO B 264 -12.52 17.18 3.96
C PRO B 264 -14.01 17.02 4.31
N LEU B 265 -14.46 17.82 5.28
CA LEU B 265 -15.85 17.80 5.70
C LEU B 265 -16.74 18.46 4.66
N ARG B 266 -17.95 17.97 4.51
CA ARG B 266 -18.88 18.59 3.58
C ARG B 266 -20.27 18.68 4.18
N VAL B 267 -21.15 19.40 3.50
CA VAL B 267 -22.51 19.57 3.96
C VAL B 267 -23.47 18.73 3.13
N ASP B 268 -24.33 17.97 3.80
CA ASP B 268 -25.29 17.17 3.07
C ASP B 268 -26.52 18.06 2.86
N VAL B 269 -26.57 18.73 1.72
CA VAL B 269 -27.67 19.63 1.43
C VAL B 269 -29.03 18.94 1.44
N ALA B 270 -29.05 17.64 1.19
CA ALA B 270 -30.31 16.91 1.22
C ALA B 270 -30.90 16.94 2.64
N VAL B 271 -30.03 16.87 3.64
CA VAL B 271 -30.49 16.89 5.01
C VAL B 271 -31.12 18.23 5.35
N LEU B 272 -30.43 19.29 4.95
CA LEU B 272 -30.90 20.64 5.18
C LEU B 272 -32.26 20.81 4.51
N LYS B 273 -32.35 20.46 3.24
CA LYS B 273 -33.61 20.60 2.53
C LYS B 273 -34.71 19.90 3.32
N ALA B 274 -34.45 18.69 3.77
CA ALA B 274 -35.44 17.93 4.52
C ALA B 274 -35.84 18.60 5.84
N ARG B 275 -34.93 19.37 6.42
CA ARG B 275 -35.24 20.02 7.69
C ARG B 275 -35.66 21.48 7.56
N ALA B 276 -35.56 22.02 6.35
CA ALA B 276 -35.88 23.43 6.12
C ALA B 276 -37.15 23.92 6.82
N LYS B 277 -38.23 23.17 6.66
CA LYS B 277 -39.50 23.55 7.26
C LYS B 277 -39.43 23.60 8.78
N LEU B 278 -38.67 22.68 9.34
CA LEU B 278 -38.52 22.59 10.78
C LEU B 278 -37.86 23.88 11.27
N LEU B 279 -36.77 24.27 10.62
CA LEU B 279 -36.06 25.47 10.99
C LEU B 279 -36.85 26.75 10.74
N GLN B 280 -37.49 26.85 9.57
CA GLN B 280 -38.28 28.04 9.23
C GLN B 280 -39.32 28.35 10.30
N LYS B 281 -39.92 27.29 10.83
CA LYS B 281 -40.94 27.42 11.85
C LYS B 281 -40.47 28.27 13.04
N TYR B 282 -39.27 28.00 13.53
CA TYR B 282 -38.77 28.77 14.66
C TYR B 282 -37.93 29.96 14.27
N LEU B 283 -37.31 29.89 13.10
CA LEU B 283 -36.52 31.03 12.62
C LEU B 283 -37.55 31.90 11.89
N CYS B 284 -38.54 32.35 12.64
CA CYS B 284 -39.65 33.15 12.10
C CYS B 284 -39.44 34.65 11.85
N ASP B 285 -38.25 35.18 12.15
CA ASP B 285 -37.96 36.59 11.87
C ASP B 285 -36.47 36.85 11.72
N GLU B 286 -36.13 38.01 11.17
CA GLU B 286 -34.71 38.37 10.94
C GLU B 286 -33.88 38.20 12.20
N GLN B 287 -34.44 38.61 13.33
CA GLN B 287 -33.74 38.49 14.61
C GLN B 287 -33.34 37.04 14.87
N LYS B 288 -34.32 36.15 14.76
CA LYS B 288 -34.08 34.74 15.01
C LYS B 288 -33.17 34.10 13.99
N GLU B 289 -33.31 34.52 12.73
CA GLU B 289 -32.44 34.01 11.68
C GLU B 289 -31.01 34.39 12.04
N LEU B 290 -30.82 35.64 12.48
CA LEU B 290 -29.49 36.13 12.85
C LEU B 290 -28.93 35.28 13.98
N GLN B 291 -29.75 35.07 14.99
CA GLN B 291 -29.37 34.28 16.15
C GLN B 291 -28.97 32.89 15.65
N ALA B 292 -29.69 32.36 14.66
CA ALA B 292 -29.36 31.05 14.11
C ALA B 292 -27.99 31.08 13.43
N LEU B 293 -27.72 32.14 12.69
CA LEU B 293 -26.43 32.27 12.01
C LEU B 293 -25.30 32.26 13.02
N TYR B 294 -25.48 32.97 14.13
CA TYR B 294 -24.45 33.00 15.16
C TYR B 294 -24.18 31.58 15.65
N ALA B 295 -25.25 30.85 15.90
CA ALA B 295 -25.12 29.49 16.39
C ALA B 295 -24.35 28.64 15.39
N LEU B 296 -24.74 28.71 14.13
CA LEU B 296 -24.07 27.94 13.09
C LEU B 296 -22.59 28.31 13.06
N GLN B 297 -22.33 29.59 13.21
CA GLN B 297 -20.96 30.07 13.17
C GLN B 297 -20.15 29.45 14.31
N ALA B 298 -20.69 29.50 15.52
CA ALA B 298 -19.97 28.94 16.66
C ALA B 298 -19.73 27.45 16.42
N LEU B 299 -20.67 26.81 15.74
CA LEU B 299 -20.54 25.39 15.45
C LEU B 299 -19.33 25.16 14.57
N VAL B 300 -19.31 25.83 13.43
CA VAL B 300 -18.21 25.70 12.50
C VAL B 300 -16.88 26.04 13.16
N VAL B 301 -16.93 26.97 14.10
CA VAL B 301 -15.73 27.36 14.82
C VAL B 301 -15.18 26.14 15.57
N THR B 302 -16.07 25.41 16.26
CA THR B 302 -15.65 24.24 17.02
C THR B 302 -15.08 23.17 16.12
N LEU B 303 -15.40 23.24 14.83
CA LEU B 303 -14.90 22.26 13.88
C LEU B 303 -13.56 22.71 13.37
N GLU B 304 -12.97 23.70 14.05
CA GLU B 304 -11.68 24.24 13.65
C GLU B 304 -11.72 24.88 12.28
N GLN B 305 -12.66 25.82 12.13
CA GLN B 305 -12.84 26.57 10.89
C GLN B 305 -12.38 25.86 9.62
N PRO B 306 -12.93 24.68 9.34
CA PRO B 306 -12.50 24.01 8.11
C PRO B 306 -12.71 24.95 6.94
N PRO B 307 -11.94 24.77 5.86
CA PRO B 307 -12.04 25.63 4.67
C PRO B 307 -13.44 25.80 4.07
N ASN B 308 -13.88 27.05 3.99
CA ASN B 308 -15.16 27.44 3.42
C ASN B 308 -16.37 26.52 3.64
N LEU B 309 -16.47 25.94 4.83
CA LEU B 309 -17.59 25.08 5.13
C LEU B 309 -18.82 25.93 5.48
N LEU B 310 -18.57 27.04 6.17
CA LEU B 310 -19.62 27.96 6.57
C LEU B 310 -20.36 28.49 5.36
N ARG B 311 -19.61 28.80 4.32
CA ARG B 311 -20.17 29.31 3.09
C ARG B 311 -21.07 28.25 2.48
N MET B 312 -20.70 26.99 2.65
CA MET B 312 -21.50 25.90 2.11
C MET B 312 -22.82 25.85 2.84
N PHE B 313 -22.81 26.13 4.14
CA PHE B 313 -24.05 26.14 4.87
C PHE B 313 -24.86 27.35 4.42
N PHE B 314 -24.19 28.49 4.33
CA PHE B 314 -24.88 29.72 3.93
C PHE B 314 -25.64 29.52 2.62
N ASP B 315 -24.98 28.97 1.63
CA ASP B 315 -25.61 28.73 0.33
C ASP B 315 -26.85 27.88 0.43
N ALA B 316 -26.73 26.73 1.07
CA ALA B 316 -27.86 25.83 1.21
C ALA B 316 -29.00 26.51 1.96
N LEU B 317 -28.64 27.20 3.06
CA LEU B 317 -29.64 27.90 3.88
C LEU B 317 -30.35 28.98 3.08
N TYR B 318 -29.58 29.71 2.29
CA TYR B 318 -30.19 30.75 1.48
C TYR B 318 -31.06 30.07 0.43
N ASP B 319 -30.55 29.01 -0.18
CA ASP B 319 -31.29 28.30 -1.21
C ASP B 319 -32.59 27.70 -0.71
N GLU B 320 -32.60 27.26 0.53
CA GLU B 320 -33.79 26.66 1.09
C GLU B 320 -34.74 27.67 1.71
N ASP B 321 -34.39 28.94 1.62
CA ASP B 321 -35.28 29.98 2.16
C ASP B 321 -35.32 29.92 3.69
N VAL B 322 -34.26 29.41 4.28
CA VAL B 322 -34.21 29.32 5.73
C VAL B 322 -33.73 30.61 6.33
N VAL B 323 -32.72 31.20 5.68
CA VAL B 323 -32.16 32.48 6.12
C VAL B 323 -32.26 33.45 4.95
N LYS B 324 -32.94 34.56 5.16
CA LYS B 324 -33.11 35.56 4.10
C LYS B 324 -31.97 36.57 4.02
N GLU B 325 -31.92 37.27 2.89
CA GLU B 325 -30.87 38.25 2.62
C GLU B 325 -30.54 39.26 3.71
N ASP B 326 -31.58 39.85 4.29
CA ASP B 326 -31.35 40.84 5.33
C ASP B 326 -30.61 40.28 6.54
N ALA B 327 -30.95 39.06 6.96
CA ALA B 327 -30.26 38.45 8.09
C ALA B 327 -28.78 38.28 7.70
N PHE B 328 -28.52 37.94 6.45
CA PHE B 328 -27.15 37.77 6.01
C PHE B 328 -26.44 39.13 6.05
N TYR B 329 -27.14 40.15 5.59
CA TYR B 329 -26.58 41.50 5.58
C TYR B 329 -26.16 41.87 6.99
N SER B 330 -27.09 41.74 7.92
CA SER B 330 -26.85 42.08 9.32
C SER B 330 -25.73 41.25 9.93
N TRP B 331 -25.65 39.98 9.56
CA TRP B 331 -24.61 39.11 10.09
C TRP B 331 -23.25 39.68 9.71
N GLU B 332 -23.15 40.19 8.49
CA GLU B 332 -21.89 40.74 8.01
C GLU B 332 -21.27 41.76 8.97
N SER B 333 -22.10 42.38 9.80
CA SER B 333 -21.58 43.33 10.75
C SER B 333 -20.93 42.65 11.94
#